data_7CK3
#
_entry.id   7CK3
#
_cell.length_a   49.140
_cell.length_b   58.430
_cell.length_c   321.890
_cell.angle_alpha   90.000
_cell.angle_beta   90.000
_cell.angle_gamma   90.000
#
_symmetry.space_group_name_H-M   'P 21 21 21'
#
loop_
_entity.id
_entity.type
_entity.pdbx_description
1 polymer 'Cellulose synthase A catalytic subunit 3 [UDP-forming],Cellulose synthase A catalytic subunit 3 [UDP-forming]'
2 water water
#
_entity_poly.entity_id   1
_entity_poly.type   'polypeptide(L)'
_entity_poly.pdbx_seq_one_letter_code
;TYLDRLALRYDREGEPSQLAAVDIFVSTVDPLKEPPLVTANTVLSILAVDYPVDKVSCYVSDDGAAMLSFESLAETSEFA
RKWVPFCKKYSIEPRAPEWYFAAKIDYLKDKVQTSFVKDRRAMKREYEEFKIRINALVSKALKCPEEGWVMQDGTPWPGN
NTRDHPGMIQVFLGQNGGLDAEGNELPRLVYVSREKRPGFQHHKKAGAMNALVRVSAVLTNGPFILNLDCDHYINNSKAL
REAMCFLMDPNLGKQVCYVQFPQRFDGIDKNDRYANRNTVFFDINLRGLDGIQGPVYVGTGCVFNRTALYGYEPGSGSGS
LEKRFGQSAVFVASTLMENGGVPPSATPENLLKEAIHVISCGYEDKSDWGMEIGWIYGSVTEDILTGFKMHARGWRSIYC
MPKLPAFKGSAPINLSDRLNQVLRWALGS
;
_entity_poly.pdbx_strand_id   A,B
#
# COMPACT_ATOMS: atom_id res chain seq x y z
N GLN A 18 -4.17 11.67 21.92
CA GLN A 18 -3.99 10.87 23.13
C GLN A 18 -3.16 9.65 22.76
N LEU A 19 -2.25 9.25 23.65
CA LEU A 19 -1.37 8.11 23.42
C LEU A 19 -1.63 7.01 24.44
N ALA A 20 -1.86 5.79 23.96
CA ALA A 20 -2.12 4.67 24.86
C ALA A 20 -0.82 3.94 25.17
N ALA A 21 -0.78 3.30 26.34
CA ALA A 21 0.42 2.58 26.72
C ALA A 21 0.66 1.44 25.76
N VAL A 22 1.93 1.14 25.53
CA VAL A 22 2.31 -0.01 24.73
C VAL A 22 3.30 -0.86 25.51
N ASP A 23 3.18 -2.17 25.37
CA ASP A 23 4.12 -3.11 25.95
C ASP A 23 4.94 -3.72 24.83
N ILE A 24 6.26 -3.56 24.90
CA ILE A 24 7.18 -4.01 23.88
C ILE A 24 7.85 -5.27 24.37
N PHE A 25 7.88 -6.32 23.54
CA PHE A 25 8.40 -7.63 23.90
C PHE A 25 9.73 -7.87 23.22
N VAL A 26 10.61 -8.57 23.92
CA VAL A 26 11.89 -9.01 23.38
C VAL A 26 12.24 -10.31 24.06
N SER A 27 12.48 -11.34 23.24
CA SER A 27 12.71 -12.69 23.74
C SER A 27 14.15 -13.13 23.49
N THR A 28 14.62 -13.95 24.41
CA THR A 28 15.97 -14.44 24.44
C THR A 28 15.96 -15.92 24.74
N VAL A 29 16.81 -16.65 24.05
CA VAL A 29 16.98 -18.07 24.23
C VAL A 29 18.36 -18.39 24.80
N ASP A 30 19.39 -17.81 24.27
CA ASP A 30 20.73 -18.22 24.64
C ASP A 30 21.75 -17.14 24.32
N PRO A 31 22.44 -16.63 25.34
CA PRO A 31 23.39 -15.56 25.15
C PRO A 31 24.64 -15.93 24.42
N LEU A 32 24.89 -17.21 24.14
CA LEU A 32 26.14 -17.48 23.47
C LEU A 32 25.96 -17.68 22.00
N LYS A 33 24.73 -17.96 21.57
CA LYS A 33 24.22 -17.75 20.22
C LYS A 33 23.80 -16.30 19.98
N GLU A 34 23.33 -15.59 20.99
CA GLU A 34 22.86 -14.22 20.81
C GLU A 34 23.65 -13.18 21.63
N PRO A 35 24.45 -12.36 20.98
CA PRO A 35 25.37 -11.41 21.70
C PRO A 35 24.60 -10.44 22.57
N PRO A 36 24.89 -10.46 23.87
CA PRO A 36 24.15 -9.57 24.82
C PRO A 36 24.21 -8.13 24.39
N LEU A 37 25.38 -7.74 23.89
CA LEU A 37 25.61 -6.40 23.40
C LEU A 37 24.68 -6.05 22.27
N VAL A 38 24.41 -7.00 21.40
CA VAL A 38 23.45 -6.72 20.34
C VAL A 38 22.08 -6.52 20.94
N THR A 39 21.66 -7.43 21.82
CA THR A 39 20.31 -7.29 22.38
C THR A 39 20.25 -6.14 23.33
N ALA A 40 21.37 -5.86 24.02
CA ALA A 40 21.42 -4.69 24.88
C ALA A 40 21.13 -3.42 24.08
N ASN A 41 21.70 -3.28 22.87
CA ASN A 41 21.43 -2.11 22.05
C ASN A 41 19.95 -1.99 21.73
N THR A 42 19.30 -3.12 21.50
CA THR A 42 17.89 -3.03 21.24
C THR A 42 17.17 -2.51 22.48
N VAL A 43 17.54 -2.97 23.66
CA VAL A 43 16.80 -2.54 24.84
C VAL A 43 17.03 -1.06 25.12
N LEU A 44 18.27 -0.56 24.90
CA LEU A 44 18.50 0.87 25.07
C LEU A 44 17.76 1.70 24.03
N SER A 45 17.59 1.18 22.81
CA SER A 45 16.76 1.92 21.88
C SER A 45 15.31 1.94 22.34
N ILE A 46 14.86 0.90 23.06
CA ILE A 46 13.50 0.97 23.57
C ILE A 46 13.41 1.89 24.77
N LEU A 47 14.37 1.79 25.70
CA LEU A 47 14.28 2.63 26.89
C LEU A 47 14.40 4.11 26.52
N ALA A 48 14.98 4.44 25.36
CA ALA A 48 15.15 5.82 24.92
C ALA A 48 14.05 6.34 24.01
N VAL A 49 13.04 5.53 23.73
CA VAL A 49 12.00 5.91 22.77
C VAL A 49 11.37 7.19 23.20
N ASP A 50 10.89 7.95 22.23
CA ASP A 50 10.20 9.22 22.45
C ASP A 50 8.74 8.90 22.71
N TYR A 51 8.37 8.84 23.99
CA TYR A 51 7.03 8.39 24.38
C TYR A 51 6.90 8.53 25.89
N PRO A 52 5.72 8.81 26.42
CA PRO A 52 5.57 8.94 27.86
C PRO A 52 6.09 7.71 28.58
N VAL A 53 6.94 7.95 29.58
CA VAL A 53 7.63 6.86 30.27
C VAL A 53 6.63 5.91 30.92
N ASP A 54 5.57 6.45 31.50
CA ASP A 54 4.56 5.58 32.10
C ASP A 54 3.75 4.79 31.07
N LYS A 55 3.84 5.05 29.78
CA LYS A 55 3.05 4.30 28.82
C LYS A 55 3.92 3.48 27.86
N VAL A 56 5.15 3.18 28.25
CA VAL A 56 5.97 2.20 27.56
C VAL A 56 6.58 1.29 28.61
N SER A 57 6.49 -0.02 28.37
CA SER A 57 7.03 -1.00 29.31
C SER A 57 7.82 -1.96 28.44
N CYS A 58 8.95 -2.43 28.92
CA CYS A 58 9.84 -3.33 28.17
C CYS A 58 9.98 -4.66 28.89
N TYR A 59 9.44 -5.73 28.32
CA TYR A 59 9.54 -7.05 28.95
C TYR A 59 10.50 -7.94 28.17
N VAL A 60 11.61 -8.31 28.82
CA VAL A 60 12.65 -9.15 28.22
C VAL A 60 12.55 -10.58 28.80
N SER A 61 12.14 -11.54 27.97
CA SER A 61 12.17 -12.95 28.34
C SER A 61 13.54 -13.50 28.08
N ASP A 62 14.01 -14.35 28.99
CA ASP A 62 15.23 -15.13 28.84
C ASP A 62 14.89 -16.58 29.08
N ASP A 63 14.53 -17.31 28.01
CA ASP A 63 14.14 -18.70 28.16
C ASP A 63 15.31 -19.58 28.54
N GLY A 64 16.53 -19.11 28.36
CA GLY A 64 17.57 -19.92 28.92
C GLY A 64 17.78 -19.82 30.43
N ALA A 65 17.31 -18.74 31.07
CA ALA A 65 17.68 -18.43 32.45
C ALA A 65 19.20 -18.24 32.60
N ALA A 66 19.84 -17.55 31.67
CA ALA A 66 21.26 -17.37 31.79
C ALA A 66 21.54 -16.26 32.76
N MET A 67 22.27 -16.55 33.82
CA MET A 67 22.72 -15.47 34.69
C MET A 67 23.35 -14.36 33.88
N LEU A 68 24.02 -14.74 32.81
CA LEU A 68 24.61 -13.76 31.92
C LEU A 68 23.57 -12.88 31.28
N SER A 69 22.43 -13.43 30.89
CA SER A 69 21.38 -12.57 30.37
C SER A 69 20.89 -11.66 31.44
N PHE A 70 20.71 -12.21 32.62
CA PHE A 70 20.20 -11.39 33.69
C PHE A 70 21.18 -10.26 34.00
N GLU A 71 22.45 -10.60 34.26
CA GLU A 71 23.40 -9.54 34.59
C GLU A 71 23.55 -8.51 33.45
N SER A 72 23.64 -8.97 32.21
CA SER A 72 23.78 -7.98 31.16
C SER A 72 22.57 -7.06 31.14
N LEU A 73 21.42 -7.62 31.42
CA LEU A 73 20.23 -6.80 31.45
C LEU A 73 20.35 -5.75 32.53
N ALA A 74 20.94 -6.11 33.68
CA ALA A 74 21.12 -5.09 34.73
C ALA A 74 22.18 -4.03 34.37
N GLU A 75 23.31 -4.44 33.84
CA GLU A 75 24.27 -3.46 33.37
C GLU A 75 23.62 -2.53 32.37
N THR A 76 22.82 -3.10 31.45
CA THR A 76 22.16 -2.26 30.47
C THR A 76 21.22 -1.30 31.14
N SER A 77 20.46 -1.79 32.11
CA SER A 77 19.52 -0.91 32.80
C SER A 77 20.31 0.19 33.48
N GLU A 78 21.45 -0.16 34.06
CA GLU A 78 22.16 0.91 34.72
C GLU A 78 22.90 1.85 33.77
N PHE A 79 23.41 1.38 32.62
CA PHE A 79 23.92 2.32 31.64
C PHE A 79 22.80 3.19 31.09
N ALA A 80 21.61 2.63 30.93
CA ALA A 80 20.53 3.42 30.36
C ALA A 80 20.26 4.65 31.20
N ARG A 81 20.54 4.62 32.50
CA ARG A 81 20.30 5.83 33.31
C ARG A 81 21.18 7.02 32.84
N LYS A 82 22.38 6.75 32.30
CA LYS A 82 23.10 7.84 31.69
C LYS A 82 22.63 8.13 30.26
N TRP A 83 22.38 7.06 29.49
CA TRP A 83 22.23 7.17 28.04
C TRP A 83 20.92 7.82 27.62
N VAL A 84 19.83 7.47 28.29
CA VAL A 84 18.52 7.96 27.88
C VAL A 84 18.46 9.47 27.97
N PRO A 85 18.82 10.09 29.08
CA PRO A 85 18.75 11.56 29.11
C PRO A 85 19.65 12.19 28.08
N PHE A 86 20.82 11.61 27.83
CA PHE A 86 21.66 12.17 26.78
C PHE A 86 20.90 12.12 25.46
N CYS A 87 20.51 10.93 25.02
CA CYS A 87 19.76 10.84 23.77
C CYS A 87 18.59 11.83 23.74
N LYS A 88 17.94 12.05 24.89
CA LYS A 88 16.77 12.93 24.90
C LYS A 88 17.13 14.42 24.90
N LYS A 89 18.23 14.83 25.54
CA LYS A 89 18.66 16.25 25.52
C LYS A 89 19.06 16.64 24.11
N TYR A 90 19.88 15.81 23.45
CA TYR A 90 20.47 16.17 22.19
C TYR A 90 19.78 15.55 20.97
N SER A 91 18.59 14.98 21.15
CA SER A 91 17.84 14.45 20.02
C SER A 91 18.72 13.53 19.19
N ILE A 92 19.34 12.59 19.88
CA ILE A 92 20.21 11.62 19.25
C ILE A 92 19.35 10.64 18.51
N GLU A 93 19.79 10.28 17.32
CA GLU A 93 19.12 9.27 16.58
C GLU A 93 20.26 8.65 15.78
N PRO A 94 20.38 7.31 15.78
CA PRO A 94 19.42 6.36 16.36
C PRO A 94 19.67 6.12 17.84
N ARG A 95 18.65 5.60 18.54
CA ARG A 95 18.73 5.47 20.00
C ARG A 95 19.53 4.24 20.49
N ALA A 96 20.29 3.57 19.62
CA ALA A 96 21.17 2.48 20.03
C ALA A 96 22.62 2.93 20.00
N PRO A 97 23.36 2.89 21.09
CA PRO A 97 24.69 3.52 21.10
C PRO A 97 25.60 3.08 19.99
N GLU A 98 25.64 1.77 19.73
CA GLU A 98 26.63 1.22 18.81
C GLU A 98 26.51 1.84 17.42
N TRP A 99 25.29 1.84 16.88
CA TRP A 99 25.09 2.39 15.56
C TRP A 99 25.20 3.89 15.60
N TYR A 100 24.79 4.51 16.70
CA TYR A 100 24.93 5.95 16.77
C TYR A 100 26.40 6.33 16.79
N PHE A 101 27.19 5.77 17.74
CA PHE A 101 28.59 6.18 17.70
C PHE A 101 29.30 5.68 16.47
N ALA A 102 28.59 5.01 15.59
CA ALA A 102 29.16 4.60 14.32
C ALA A 102 28.84 5.55 13.20
N ALA A 103 27.75 6.34 13.31
CA ALA A 103 27.34 7.22 12.22
C ALA A 103 28.31 8.41 12.11
N LYS A 104 28.30 9.08 10.95
CA LYS A 104 29.21 10.23 10.72
C LYS A 104 28.67 11.46 11.42
N ILE A 105 29.53 12.18 12.14
CA ILE A 105 29.08 13.50 12.58
C ILE A 105 30.00 14.60 12.05
N ASP A 106 29.38 15.75 11.76
CA ASP A 106 30.02 16.87 11.10
C ASP A 106 30.56 17.83 12.15
N TYR A 107 31.86 17.75 12.44
CA TYR A 107 32.35 18.76 13.37
C TYR A 107 32.44 20.15 12.75
N LEU A 108 32.42 20.26 11.45
CA LEU A 108 32.67 21.53 10.80
C LEU A 108 31.46 22.45 10.80
N LYS A 109 30.30 21.98 11.25
CA LYS A 109 29.06 22.72 11.05
C LYS A 109 29.05 24.00 11.88
N ASP A 110 29.48 23.90 13.10
CA ASP A 110 29.40 25.01 14.02
C ASP A 110 30.79 25.52 14.27
N LYS A 111 30.84 26.83 14.60
CA LYS A 111 32.07 27.52 14.89
C LYS A 111 32.37 27.56 16.36
N VAL A 112 31.50 27.10 17.21
CA VAL A 112 31.67 27.19 18.65
C VAL A 112 31.31 25.84 19.28
N GLN A 113 31.96 25.54 20.40
CA GLN A 113 31.79 24.26 21.08
C GLN A 113 30.79 24.44 22.22
N THR A 114 29.66 23.79 22.08
CA THR A 114 28.68 23.75 23.12
C THR A 114 28.98 22.59 24.05
N SER A 115 28.07 22.26 24.98
CA SER A 115 28.34 21.14 25.89
C SER A 115 28.26 19.79 25.19
N PHE A 116 27.69 19.75 24.00
CA PHE A 116 27.62 18.47 23.32
C PHE A 116 29.01 17.87 23.16
N VAL A 117 30.03 18.71 22.99
CA VAL A 117 31.36 18.18 22.84
C VAL A 117 31.77 17.41 24.09
N LYS A 118 31.73 18.05 25.27
CA LYS A 118 32.12 17.29 26.46
C LYS A 118 31.18 16.14 26.67
N ASP A 119 29.89 16.34 26.41
CA ASP A 119 28.93 15.29 26.74
C ASP A 119 29.04 14.09 25.82
N ARG A 120 29.21 14.32 24.53
CA ARG A 120 29.32 13.19 23.65
C ARG A 120 30.62 12.44 23.90
N ARG A 121 31.68 13.18 24.26
CA ARG A 121 32.96 12.52 24.43
C ARG A 121 32.96 11.64 25.67
N ALA A 122 32.27 12.08 26.72
CA ALA A 122 32.08 11.27 27.93
C ALA A 122 31.15 10.06 27.73
N MET A 123 30.01 10.27 27.06
CA MET A 123 29.06 9.21 26.80
C MET A 123 29.73 8.10 26.00
N LYS A 124 30.53 8.50 25.01
CA LYS A 124 31.27 7.45 24.31
C LYS A 124 32.23 6.75 25.26
N ARG A 125 32.90 7.48 26.11
CA ARG A 125 33.79 6.81 27.04
C ARG A 125 32.94 5.91 27.95
N GLU A 126 31.74 6.37 28.29
CA GLU A 126 30.84 5.54 29.08
C GLU A 126 30.50 4.28 28.32
N TYR A 127 30.27 4.40 27.02
CA TYR A 127 29.85 3.23 26.26
C TYR A 127 30.95 2.19 26.18
N GLU A 128 32.19 2.63 25.96
CA GLU A 128 33.27 1.65 25.95
C GLU A 128 33.44 1.01 27.30
N GLU A 129 33.28 1.79 28.38
CA GLU A 129 33.28 1.19 29.71
C GLU A 129 32.24 0.08 29.74
N PHE A 130 31.05 0.36 29.27
CA PHE A 130 29.99 -0.65 29.26
C PHE A 130 30.40 -1.90 28.48
N LYS A 131 30.83 -1.74 27.21
CA LYS A 131 31.14 -2.93 26.43
C LYS A 131 32.16 -3.77 27.15
N ILE A 132 33.17 -3.12 27.72
CA ILE A 132 34.19 -3.84 28.46
C ILE A 132 33.52 -4.60 29.58
N ARG A 133 32.64 -3.96 30.32
CA ARG A 133 32.01 -4.69 31.40
C ARG A 133 31.13 -5.82 30.89
N ILE A 134 30.49 -5.65 29.72
CA ILE A 134 29.73 -6.76 29.16
C ILE A 134 30.67 -7.87 28.71
N ASN A 135 31.73 -7.50 27.97
CA ASN A 135 32.72 -8.50 27.60
C ASN A 135 33.12 -9.33 28.81
N ALA A 136 33.51 -8.67 29.88
CA ALA A 136 33.92 -9.37 31.07
C ALA A 136 32.83 -10.31 31.57
N LEU A 137 31.56 -9.97 31.38
CA LEU A 137 30.54 -10.92 31.84
C LEU A 137 30.54 -12.17 30.95
N VAL A 138 30.69 -12.01 29.64
CA VAL A 138 30.72 -13.21 28.80
C VAL A 138 32.01 -13.99 29.01
N SER A 139 33.08 -13.33 29.40
CA SER A 139 34.32 -14.05 29.64
C SER A 139 34.13 -15.00 30.81
N LYS A 140 33.34 -14.55 31.81
CA LYS A 140 33.09 -15.38 32.97
C LYS A 140 31.95 -16.34 32.76
N ALA A 141 31.11 -16.09 31.76
CA ALA A 141 30.10 -17.12 31.52
C ALA A 141 30.66 -18.34 30.82
N LEU A 142 31.81 -18.22 30.16
CA LEU A 142 32.36 -19.29 29.33
C LEU A 142 32.76 -20.52 30.15
N LYS A 143 33.59 -20.33 31.18
CA LYS A 143 33.98 -21.47 32.00
C LYS A 143 32.87 -21.72 32.99
N CYS A 144 32.27 -22.89 32.88
CA CYS A 144 31.06 -23.20 33.61
C CYS A 144 31.44 -23.95 34.87
N PRO A 145 31.20 -23.42 36.06
CA PRO A 145 31.57 -24.14 37.28
C PRO A 145 30.64 -25.32 37.45
N GLU A 146 31.18 -26.44 37.96
CA GLU A 146 30.35 -27.62 38.14
C GLU A 146 29.36 -27.45 39.28
N GLU A 147 29.61 -26.51 40.18
CA GLU A 147 28.82 -26.32 41.39
C GLU A 147 27.79 -25.22 41.25
N GLY A 148 27.50 -24.81 40.01
CA GLY A 148 26.47 -23.82 39.73
C GLY A 148 26.93 -22.37 39.85
N TRP A 149 26.08 -21.47 39.32
CA TRP A 149 26.39 -20.04 39.22
C TRP A 149 26.05 -19.32 40.53
N VAL A 150 27.00 -18.54 41.02
CA VAL A 150 26.76 -17.59 42.09
C VAL A 150 26.84 -16.16 41.53
N MET A 151 25.89 -15.34 41.95
CA MET A 151 25.77 -13.98 41.49
C MET A 151 26.83 -13.11 42.15
N GLN A 152 26.92 -11.88 41.64
CA GLN A 152 27.95 -10.95 42.08
C GLN A 152 27.79 -10.63 43.55
N ASP A 153 26.55 -10.56 44.01
CA ASP A 153 26.16 -10.22 45.37
C ASP A 153 26.25 -11.41 46.29
N GLY A 154 26.70 -12.57 45.78
CA GLY A 154 26.90 -13.76 46.56
C GLY A 154 25.78 -14.76 46.39
N THR A 155 24.55 -14.27 46.22
CA THR A 155 23.37 -15.10 46.11
C THR A 155 23.47 -16.08 44.94
N PRO A 156 23.08 -17.34 45.13
CA PRO A 156 23.07 -18.30 44.01
C PRO A 156 22.00 -17.98 42.98
N TRP A 157 22.37 -18.20 41.74
CA TRP A 157 21.44 -18.06 40.64
C TRP A 157 20.36 -19.15 40.71
N PRO A 158 19.08 -18.77 40.69
CA PRO A 158 18.03 -19.78 40.63
C PRO A 158 18.03 -20.56 39.32
N GLY A 159 18.79 -20.16 38.33
CA GLY A 159 18.73 -20.88 37.07
C GLY A 159 19.87 -21.79 36.64
N ASN A 160 20.61 -22.43 37.56
CA ASN A 160 21.72 -23.29 37.14
C ASN A 160 21.24 -24.48 36.30
N ASN A 161 20.19 -25.14 36.73
CA ASN A 161 19.54 -26.14 35.89
C ASN A 161 18.55 -25.43 34.98
N THR A 162 18.74 -25.63 33.70
CA THR A 162 17.94 -24.95 32.71
C THR A 162 16.52 -25.49 32.62
N ARG A 163 16.33 -26.79 32.84
CA ARG A 163 14.99 -27.39 32.78
C ARG A 163 14.34 -27.58 34.15
N ASP A 164 14.90 -26.95 35.20
CA ASP A 164 14.38 -27.05 36.56
C ASP A 164 14.74 -25.74 37.27
N HIS A 165 13.79 -24.83 37.34
CA HIS A 165 14.02 -23.59 38.04
C HIS A 165 12.67 -22.92 38.20
N PRO A 166 12.51 -22.08 39.21
CA PRO A 166 11.25 -21.39 39.41
C PRO A 166 11.06 -20.25 38.40
N GLY A 167 9.83 -19.74 38.34
CA GLY A 167 9.57 -18.55 37.57
C GLY A 167 10.29 -17.37 38.20
N MET A 168 10.85 -16.49 37.37
CA MET A 168 11.59 -15.33 37.85
C MET A 168 10.98 -14.04 37.28
N ILE A 169 10.77 -13.03 38.11
CA ILE A 169 10.34 -11.74 37.58
C ILE A 169 11.11 -10.66 38.30
N GLN A 170 11.80 -9.79 37.54
CA GLN A 170 12.55 -8.69 38.14
C GLN A 170 12.34 -7.40 37.35
N VAL A 171 11.96 -6.36 38.08
CA VAL A 171 11.64 -5.08 37.51
C VAL A 171 12.84 -4.18 37.67
N PHE A 172 13.17 -3.45 36.60
CA PHE A 172 14.24 -2.48 36.66
C PHE A 172 13.66 -1.13 36.32
N LEU A 173 14.41 -0.10 36.71
CA LEU A 173 13.93 1.28 36.52
C LEU A 173 12.46 1.43 36.91
N GLY A 174 11.66 1.84 35.95
CA GLY A 174 10.30 2.01 36.29
C GLY A 174 10.05 3.11 37.35
N GLN A 175 8.88 2.99 37.97
CA GLN A 175 8.46 4.03 38.88
C GLN A 175 9.02 3.83 40.26
N ASN A 176 9.64 2.67 40.51
CA ASN A 176 10.17 2.31 41.80
C ASN A 176 11.69 2.14 41.82
N GLY A 177 12.37 2.12 40.68
CA GLY A 177 13.81 2.09 40.76
C GLY A 177 14.42 3.27 40.04
N GLY A 178 15.66 3.06 39.62
CA GLY A 178 16.26 3.82 38.54
C GLY A 178 16.50 5.31 38.71
N LEU A 179 15.78 6.07 37.90
CA LEU A 179 15.93 7.52 37.80
C LEU A 179 17.24 7.73 37.06
N ASP A 180 17.12 8.12 35.77
CA ASP A 180 18.24 8.62 35.00
C ASP A 180 18.91 9.78 35.72
N ALA A 181 20.10 10.14 35.28
CA ALA A 181 20.99 11.01 36.05
C ALA A 181 20.42 12.41 36.23
N GLU A 182 19.49 12.82 35.40
CA GLU A 182 18.80 14.10 35.53
C GLU A 182 17.58 14.03 36.44
N GLY A 183 17.38 12.89 37.11
CA GLY A 183 16.36 12.71 38.13
C GLY A 183 14.97 12.39 37.64
N ASN A 184 14.79 12.05 36.36
CA ASN A 184 13.47 11.58 35.90
C ASN A 184 13.45 10.06 35.77
N GLU A 185 12.24 9.52 35.79
CA GLU A 185 12.13 8.07 35.85
C GLU A 185 12.11 7.49 34.45
N LEU A 186 12.60 6.26 34.34
CA LEU A 186 12.71 5.67 33.01
C LEU A 186 11.62 4.62 32.83
N PRO A 187 11.39 4.16 31.60
CA PRO A 187 10.45 3.06 31.38
C PRO A 187 10.76 1.85 32.25
N ARG A 188 9.69 1.12 32.62
CA ARG A 188 9.94 -0.09 33.42
C ARG A 188 10.60 -1.14 32.53
N LEU A 189 11.49 -1.90 33.14
CA LEU A 189 12.27 -2.91 32.45
C LEU A 189 12.12 -4.23 33.21
N VAL A 190 11.49 -5.21 32.59
CA VAL A 190 11.05 -6.43 33.27
C VAL A 190 11.73 -7.66 32.71
N TYR A 191 12.64 -8.22 33.50
CA TYR A 191 13.22 -9.52 33.19
C TYR A 191 12.16 -10.54 33.50
N VAL A 192 11.81 -11.37 32.57
CA VAL A 192 10.92 -12.45 32.95
C VAL A 192 11.65 -13.71 32.56
N SER A 193 11.41 -14.82 33.28
CA SER A 193 11.88 -16.16 32.83
C SER A 193 10.89 -17.18 33.38
N ARG A 194 10.02 -17.69 32.50
CA ARG A 194 8.94 -18.57 32.96
C ARG A 194 9.53 -19.83 33.57
N GLU A 195 8.72 -20.49 34.41
CA GLU A 195 9.12 -21.67 35.17
C GLU A 195 9.45 -22.83 34.25
N LYS A 196 10.46 -23.58 34.64
CA LYS A 196 10.88 -24.80 33.94
C LYS A 196 10.96 -25.96 34.95
N ARG A 197 10.15 -27.00 34.74
CA ARG A 197 10.21 -28.18 35.63
C ARG A 197 10.25 -29.44 34.76
N PRO A 198 11.15 -30.41 35.04
CA PRO A 198 11.25 -31.58 34.16
C PRO A 198 9.88 -32.21 34.09
N GLY A 199 9.47 -32.55 32.88
CA GLY A 199 8.14 -33.04 32.69
C GLY A 199 7.13 -32.08 32.07
N PHE A 200 7.51 -30.85 31.74
CA PHE A 200 6.55 -29.92 31.15
C PHE A 200 7.02 -29.39 29.81
N GLN A 201 6.26 -29.68 28.76
CA GLN A 201 6.64 -29.10 27.50
C GLN A 201 6.32 -27.62 27.50
N HIS A 202 7.34 -26.83 27.20
CA HIS A 202 7.29 -25.40 27.37
C HIS A 202 7.00 -24.65 26.07
N HIS A 203 7.00 -25.33 24.93
CA HIS A 203 6.77 -24.75 23.60
C HIS A 203 7.77 -23.67 23.25
N LYS A 204 9.03 -23.97 23.56
CA LYS A 204 10.13 -23.01 23.51
C LYS A 204 9.69 -21.56 23.20
N LYS A 205 9.94 -21.13 21.97
CA LYS A 205 9.76 -19.72 21.60
C LYS A 205 8.29 -19.30 21.65
N ALA A 206 7.38 -20.20 21.28
CA ALA A 206 5.97 -19.86 21.36
C ALA A 206 5.50 -19.81 22.82
N GLY A 207 5.96 -20.77 23.65
CA GLY A 207 5.54 -20.79 25.03
C GLY A 207 6.06 -19.58 25.78
N ALA A 208 7.29 -19.17 25.48
CA ALA A 208 7.79 -17.93 26.02
C ALA A 208 6.87 -16.79 25.69
N MET A 209 6.31 -16.80 24.50
CA MET A 209 5.62 -15.61 24.04
C MET A 209 4.21 -15.53 24.58
N ASN A 210 3.52 -16.68 24.72
CA ASN A 210 2.21 -16.66 25.34
C ASN A 210 2.35 -16.26 26.80
N ALA A 211 3.26 -16.91 27.50
CA ALA A 211 3.56 -16.51 28.88
C ALA A 211 3.85 -15.02 28.93
N LEU A 212 4.58 -14.53 27.94
CA LEU A 212 4.98 -13.16 28.03
C LEU A 212 3.79 -12.23 27.78
N VAL A 213 2.90 -12.63 26.87
CA VAL A 213 1.62 -11.94 26.74
C VAL A 213 0.90 -11.88 28.07
N ARG A 214 0.92 -12.96 28.85
CA ARG A 214 0.15 -12.98 30.09
C ARG A 214 0.81 -12.20 31.22
N VAL A 215 2.11 -12.32 31.41
CA VAL A 215 2.74 -11.59 32.51
C VAL A 215 2.64 -10.08 32.27
N SER A 216 2.76 -9.64 31.01
CA SER A 216 2.68 -8.21 30.74
C SER A 216 1.27 -7.74 30.91
N ALA A 217 0.30 -8.66 30.89
CA ALA A 217 -1.10 -8.27 31.10
C ALA A 217 -1.36 -8.02 32.57
N VAL A 218 -0.75 -8.82 33.44
CA VAL A 218 -1.15 -8.65 34.82
C VAL A 218 -0.39 -7.49 35.42
N LEU A 219 0.80 -7.20 34.90
CA LEU A 219 1.46 -5.96 35.29
C LEU A 219 0.95 -4.86 34.36
N THR A 220 1.81 -3.94 34.00
CA THR A 220 1.48 -2.91 33.03
C THR A 220 0.58 -3.41 31.90
N ASN A 221 -0.76 -3.41 32.02
CA ASN A 221 -1.60 -4.05 30.97
C ASN A 221 -1.79 -3.11 29.79
N GLY A 222 -0.89 -3.18 28.84
CA GLY A 222 -0.92 -2.26 27.74
C GLY A 222 -1.89 -2.70 26.68
N PRO A 223 -2.65 -1.72 26.18
CA PRO A 223 -3.58 -1.99 25.07
C PRO A 223 -2.88 -2.39 23.79
N PHE A 224 -1.59 -2.02 23.62
CA PHE A 224 -0.87 -2.34 22.40
C PHE A 224 0.43 -3.07 22.69
N ILE A 225 0.80 -3.93 21.76
CA ILE A 225 1.91 -4.86 21.98
C ILE A 225 2.83 -4.75 20.78
N LEU A 226 4.12 -4.83 21.06
CA LEU A 226 5.17 -4.66 20.06
C LEU A 226 6.22 -5.71 20.36
N ASN A 227 6.16 -6.84 19.67
CA ASN A 227 7.21 -7.81 19.78
C ASN A 227 8.34 -7.38 18.87
N LEU A 228 9.56 -7.49 19.38
CA LEU A 228 10.75 -7.13 18.63
C LEU A 228 11.76 -8.23 18.79
N ASP A 229 12.37 -8.64 17.70
CA ASP A 229 13.52 -9.54 17.79
C ASP A 229 14.68 -8.86 18.48
N CYS A 230 15.49 -9.69 19.15
CA CYS A 230 16.55 -9.18 20.03
C CYS A 230 17.48 -8.21 19.32
N ASP A 231 17.57 -8.26 18.00
CA ASP A 231 18.44 -7.38 17.25
C ASP A 231 17.67 -6.29 16.51
N HIS A 232 16.38 -6.18 16.69
CA HIS A 232 15.60 -5.23 15.91
C HIS A 232 15.52 -3.98 16.78
N TYR A 233 16.60 -3.18 16.77
CA TYR A 233 16.56 -1.95 17.54
C TYR A 233 15.70 -0.90 16.87
N ILE A 234 15.05 -0.08 17.69
CA ILE A 234 14.24 1.03 17.18
C ILE A 234 15.12 2.09 16.55
N ASN A 235 14.92 2.32 15.24
CA ASN A 235 15.77 3.24 14.49
C ASN A 235 15.34 4.69 14.69
N ASN A 236 14.03 4.94 14.72
CA ASN A 236 13.50 6.29 14.86
C ASN A 236 12.81 6.42 16.20
N SER A 237 13.34 7.32 17.04
CA SER A 237 12.82 7.43 18.39
C SER A 237 11.37 7.85 18.39
N LYS A 238 10.87 8.35 17.29
CA LYS A 238 9.48 8.80 17.28
C LYS A 238 8.59 7.77 16.65
N ALA A 239 9.01 6.52 16.67
CA ALA A 239 8.25 5.45 16.03
C ALA A 239 6.88 5.25 16.68
N LEU A 240 6.81 5.33 17.99
CA LEU A 240 5.51 5.06 18.56
C LEU A 240 4.59 6.24 18.50
N ARG A 241 5.12 7.46 18.42
CA ARG A 241 4.23 8.59 18.21
C ARG A 241 3.59 8.49 16.84
N GLU A 242 4.41 8.25 15.81
CA GLU A 242 3.85 8.07 14.47
C GLU A 242 2.92 6.88 14.44
N ALA A 243 3.29 5.78 15.12
CA ALA A 243 2.41 4.62 15.17
C ALA A 243 1.05 4.97 15.77
N MET A 244 1.07 5.71 16.86
CA MET A 244 -0.16 5.91 17.58
C MET A 244 -1.09 6.79 16.79
N CYS A 245 -0.57 7.86 16.20
CA CYS A 245 -1.50 8.70 15.46
C CYS A 245 -1.95 8.07 14.14
N PHE A 246 -1.36 6.96 13.70
CA PHE A 246 -1.92 6.23 12.55
C PHE A 246 -2.74 5.01 12.98
N LEU A 247 -2.57 4.52 14.20
CA LEU A 247 -3.27 3.32 14.62
C LEU A 247 -4.73 3.56 14.98
N MET A 248 -5.16 4.81 15.20
CA MET A 248 -6.49 5.09 15.76
C MET A 248 -7.31 6.09 14.92
N ASP A 249 -7.89 5.63 13.77
CA ASP A 249 -8.85 6.38 12.94
C ASP A 249 -9.35 5.60 11.72
N PRO A 250 -10.62 5.77 11.31
CA PRO A 250 -11.17 4.99 10.18
C PRO A 250 -11.00 5.58 8.78
N ASN A 251 -10.86 4.66 7.82
CA ASN A 251 -10.85 4.93 6.38
C ASN A 251 -11.09 3.61 5.62
N LEU A 252 -10.74 3.58 4.34
CA LEU A 252 -10.94 2.41 3.50
C LEU A 252 -9.65 2.03 2.80
N GLY A 253 -9.61 0.80 2.27
CA GLY A 253 -8.41 0.22 1.69
C GLY A 253 -7.59 -0.61 2.68
N LYS A 254 -7.07 -1.77 2.27
CA LYS A 254 -6.46 -2.64 3.27
C LYS A 254 -5.02 -2.23 3.63
N GLN A 255 -4.07 -2.27 2.69
CA GLN A 255 -2.68 -1.98 3.02
C GLN A 255 -2.14 -0.71 2.36
N VAL A 256 -1.35 0.07 3.10
CA VAL A 256 -0.69 1.27 2.59
C VAL A 256 0.81 1.15 2.85
N CYS A 257 1.61 1.96 2.17
CA CYS A 257 3.06 1.80 2.27
C CYS A 257 3.78 3.15 2.35
N TYR A 258 4.94 3.17 3.03
CA TYR A 258 5.66 4.41 3.33
C TYR A 258 7.04 4.35 2.71
N VAL A 259 7.33 5.31 1.83
CA VAL A 259 8.59 5.33 1.09
C VAL A 259 8.83 3.95 0.48
N ARG A 277 13.17 -1.42 7.30
CA ARG A 277 13.42 -0.74 6.03
C ARG A 277 12.49 0.47 5.86
N ASN A 278 11.19 0.21 5.64
CA ASN A 278 10.21 1.29 5.62
C ASN A 278 8.99 0.83 6.43
N THR A 279 7.93 1.65 6.42
CA THR A 279 6.75 1.40 7.23
C THR A 279 5.67 0.71 6.41
N VAL A 280 4.63 0.23 7.07
CA VAL A 280 3.52 -0.35 6.30
C VAL A 280 2.18 0.12 6.82
N PHE A 281 1.73 -0.34 8.01
CA PHE A 281 0.41 0.03 8.51
C PHE A 281 -0.72 -0.55 7.65
N PHE A 282 -1.41 -1.59 8.13
CA PHE A 282 -2.59 -2.11 7.45
C PHE A 282 -3.84 -1.32 7.78
N ASP A 283 -4.99 -1.92 7.54
CA ASP A 283 -6.27 -1.32 7.89
C ASP A 283 -7.35 -2.31 7.45
N ILE A 284 -8.53 -2.20 8.08
CA ILE A 284 -9.68 -3.03 7.77
C ILE A 284 -9.28 -4.49 7.56
N GLY A 294 -11.42 -13.77 8.06
CA GLY A 294 -10.63 -14.79 8.74
C GLY A 294 -9.52 -14.31 9.67
N PRO A 295 -8.59 -15.20 9.99
CA PRO A 295 -7.47 -14.81 10.87
C PRO A 295 -6.20 -14.43 10.12
N VAL A 296 -5.47 -13.48 10.71
CA VAL A 296 -4.20 -13.00 10.17
C VAL A 296 -3.16 -13.13 11.26
N TYR A 297 -1.94 -13.47 10.88
CA TYR A 297 -0.89 -13.75 11.83
C TYR A 297 0.26 -12.78 11.65
N VAL A 298 0.70 -12.20 12.77
CA VAL A 298 1.66 -11.11 12.81
C VAL A 298 2.75 -11.47 13.81
N GLY A 299 3.99 -11.07 13.51
CA GLY A 299 5.14 -11.33 14.37
C GLY A 299 5.99 -10.17 14.82
N THR A 300 7.28 -10.23 14.42
CA THR A 300 8.28 -9.24 14.81
C THR A 300 7.91 -7.84 14.31
N GLY A 301 8.14 -6.84 15.15
CA GLY A 301 8.23 -5.51 14.60
C GLY A 301 6.89 -4.94 14.27
N CYS A 302 5.82 -5.49 14.86
CA CYS A 302 4.48 -4.97 14.60
C CYS A 302 3.76 -4.56 15.86
N VAL A 303 3.09 -3.44 15.75
CA VAL A 303 2.33 -2.83 16.83
C VAL A 303 0.88 -3.18 16.55
N PHE A 304 0.34 -4.12 17.29
CA PHE A 304 -1.05 -4.49 17.19
C PHE A 304 -1.71 -4.20 18.52
N ASN A 305 -3.05 -4.21 18.53
CA ASN A 305 -3.79 -3.99 19.77
C ASN A 305 -3.90 -5.29 20.57
N ARG A 306 -3.87 -5.15 21.89
CA ARG A 306 -3.82 -6.34 22.72
C ARG A 306 -5.12 -7.13 22.65
N THR A 307 -6.25 -6.44 22.67
CA THR A 307 -7.52 -7.16 22.77
C THR A 307 -7.75 -8.11 21.61
N ALA A 308 -7.10 -7.90 20.46
CA ALA A 308 -7.40 -8.77 19.34
C ALA A 308 -6.89 -10.17 19.56
N LEU A 309 -5.92 -10.35 20.47
CA LEU A 309 -5.41 -11.66 20.84
C LEU A 309 -6.40 -12.47 21.64
N TYR A 310 -7.46 -11.85 22.14
CA TYR A 310 -8.33 -12.44 23.14
C TYR A 310 -9.64 -13.01 22.60
N GLY A 311 -10.04 -12.68 21.37
CA GLY A 311 -11.24 -13.24 20.80
C GLY A 311 -12.50 -12.41 21.00
N TYR A 312 -12.55 -11.62 22.08
CA TYR A 312 -13.69 -10.78 22.39
C TYR A 312 -13.35 -9.31 22.06
N GLU A 313 -14.24 -8.38 22.46
CA GLU A 313 -14.08 -6.95 22.19
C GLU A 313 -14.22 -6.15 23.49
N PRO A 314 -13.15 -6.10 24.30
CA PRO A 314 -13.12 -5.35 25.56
C PRO A 314 -13.23 -3.83 25.36
N GLU A 322 -18.29 -19.25 30.43
CA GLU A 322 -17.07 -18.88 31.16
C GLU A 322 -15.89 -18.71 30.21
N LYS A 323 -14.79 -18.18 30.75
CA LYS A 323 -13.57 -17.91 30.01
C LYS A 323 -12.43 -18.77 30.53
N ARG A 324 -11.74 -19.48 29.62
CA ARG A 324 -10.53 -20.21 29.96
C ARG A 324 -9.33 -19.55 29.26
N PHE A 325 -8.85 -18.48 29.88
CA PHE A 325 -7.51 -17.99 29.67
C PHE A 325 -6.54 -18.51 30.69
N GLY A 326 -6.84 -19.65 31.29
CA GLY A 326 -6.16 -20.05 32.50
C GLY A 326 -6.98 -19.68 33.72
N GLN A 327 -6.51 -20.15 34.86
CA GLN A 327 -7.22 -20.00 36.11
C GLN A 327 -6.94 -18.70 36.84
N SER A 328 -6.15 -17.78 36.28
CA SER A 328 -5.89 -16.50 36.94
C SER A 328 -7.00 -15.49 36.69
N ALA A 329 -7.76 -15.17 37.73
CA ALA A 329 -8.82 -14.19 37.53
C ALA A 329 -8.26 -12.80 37.33
N VAL A 330 -7.03 -12.56 37.78
CA VAL A 330 -6.41 -11.27 37.50
C VAL A 330 -6.16 -11.14 36.02
N PHE A 331 -5.67 -12.21 35.41
CA PHE A 331 -5.47 -12.20 33.97
C PHE A 331 -6.76 -11.92 33.25
N VAL A 332 -7.81 -12.65 33.62
CA VAL A 332 -9.07 -12.48 32.92
C VAL A 332 -9.68 -11.15 33.26
N ALA A 333 -9.26 -10.52 34.36
CA ALA A 333 -9.67 -9.15 34.59
C ALA A 333 -9.14 -8.26 33.48
N SER A 334 -7.83 -8.24 33.31
CA SER A 334 -7.24 -7.45 32.24
C SER A 334 -7.79 -7.85 30.87
N THR A 335 -8.35 -9.05 30.76
CA THR A 335 -8.99 -9.43 29.51
C THR A 335 -10.20 -8.57 29.24
N LEU A 336 -11.08 -8.41 30.22
CA LEU A 336 -12.35 -7.73 30.05
C LEU A 336 -12.27 -6.25 30.39
N MET A 337 -11.10 -5.76 30.75
CA MET A 337 -10.98 -4.35 31.07
C MET A 337 -11.02 -3.52 29.78
N GLU A 338 -10.70 -2.25 29.93
CA GLU A 338 -10.66 -1.34 28.80
C GLU A 338 -9.63 -1.83 27.80
N ASN A 339 -9.40 -1.05 26.75
CA ASN A 339 -8.35 -1.36 25.77
C ASN A 339 -7.08 -1.80 26.50
N GLY A 340 -6.78 -1.18 27.64
CA GLY A 340 -5.71 -1.67 28.47
C GLY A 340 -6.00 -1.32 29.91
N GLY A 341 -4.96 -1.22 30.74
CA GLY A 341 -5.06 -0.75 32.11
C GLY A 341 -5.10 -1.87 33.15
N VAL A 342 -4.69 -1.50 34.35
CA VAL A 342 -4.67 -2.44 35.47
C VAL A 342 -5.69 -1.97 36.51
N PRO A 343 -6.53 -2.87 37.04
CA PRO A 343 -7.59 -2.43 37.95
C PRO A 343 -7.01 -1.87 39.24
N PRO A 344 -7.46 -0.68 39.65
CA PRO A 344 -6.94 -0.08 40.89
C PRO A 344 -7.30 -0.87 42.12
N SER A 345 -8.27 -1.79 42.01
CA SER A 345 -8.63 -2.73 43.06
C SER A 345 -7.60 -3.82 43.22
N ALA A 346 -6.49 -3.73 42.50
CA ALA A 346 -5.42 -4.72 42.57
C ALA A 346 -4.26 -4.19 43.39
N THR A 347 -3.57 -5.12 44.22
CA THR A 347 -2.50 -4.85 45.20
C THR A 347 -1.15 -5.32 44.68
N PRO A 348 -0.11 -4.48 44.79
CA PRO A 348 1.23 -4.86 44.28
C PRO A 348 1.69 -6.25 44.71
N GLU A 349 1.40 -6.67 45.94
CA GLU A 349 1.82 -8.01 46.31
C GLU A 349 0.89 -9.03 45.70
N ASN A 350 -0.38 -8.71 45.47
CA ASN A 350 -1.20 -9.78 44.93
C ASN A 350 -0.95 -9.98 43.47
N LEU A 351 -0.59 -8.92 42.74
CA LEU A 351 -0.36 -9.16 41.33
C LEU A 351 1.06 -9.55 40.99
N LEU A 352 2.02 -9.35 41.89
CA LEU A 352 3.25 -10.12 41.70
C LEU A 352 2.99 -11.59 41.95
N LYS A 353 2.20 -11.91 42.98
CA LYS A 353 1.77 -13.28 43.20
C LYS A 353 1.18 -13.90 41.93
N GLU A 354 0.40 -13.12 41.18
CA GLU A 354 -0.27 -13.66 40.00
C GLU A 354 0.61 -13.70 38.76
N ALA A 355 1.54 -12.75 38.61
CA ALA A 355 2.45 -12.83 37.45
C ALA A 355 3.30 -14.08 37.56
N ILE A 356 3.77 -14.40 38.75
CA ILE A 356 4.44 -15.67 38.99
C ILE A 356 3.51 -16.83 38.66
N HIS A 357 2.23 -16.70 39.05
CA HIS A 357 1.26 -17.76 38.78
C HIS A 357 1.09 -18.00 37.30
N VAL A 358 1.13 -16.93 36.53
CA VAL A 358 0.77 -16.97 35.10
C VAL A 358 1.95 -17.32 34.18
N ILE A 359 3.16 -17.44 34.72
CA ILE A 359 4.22 -18.12 34.02
C ILE A 359 4.58 -19.45 34.67
N SER A 360 3.82 -19.88 35.65
CA SER A 360 4.15 -21.16 36.23
C SER A 360 4.04 -22.26 35.20
N CYS A 361 4.70 -23.36 35.50
CA CYS A 361 4.51 -24.62 34.79
C CYS A 361 3.05 -25.01 34.79
N GLY A 362 2.60 -25.55 33.69
CA GLY A 362 1.27 -26.09 33.62
C GLY A 362 0.20 -25.05 33.77
N TYR A 363 0.56 -23.76 33.73
CA TYR A 363 -0.52 -22.78 33.73
C TYR A 363 -1.37 -22.92 32.48
N GLU A 364 -0.81 -23.41 31.39
CA GLU A 364 -1.56 -23.53 30.16
C GLU A 364 -2.29 -24.89 30.04
N ASP A 365 -2.38 -25.66 31.11
CA ASP A 365 -2.83 -27.04 30.96
C ASP A 365 -4.32 -27.12 30.66
N LYS A 366 -4.65 -27.76 29.53
CA LYS A 366 -6.02 -27.84 29.02
C LYS A 366 -6.61 -26.45 28.88
N SER A 367 -5.75 -25.43 28.92
CA SER A 367 -6.17 -24.06 29.17
C SER A 367 -6.52 -23.28 27.94
N ASP A 368 -6.53 -23.91 26.77
CA ASP A 368 -6.82 -23.22 25.53
C ASP A 368 -5.84 -22.07 25.26
N TRP A 369 -4.56 -22.41 25.18
CA TRP A 369 -3.46 -21.54 24.78
C TRP A 369 -2.66 -22.29 23.73
N GLY A 370 -2.10 -21.59 22.75
CA GLY A 370 -1.75 -22.32 21.55
C GLY A 370 -3.08 -22.76 21.00
N MET A 371 -4.03 -21.90 21.12
CA MET A 371 -5.45 -22.10 21.12
C MET A 371 -5.96 -21.77 19.73
N GLU A 372 -7.22 -21.42 19.65
CA GLU A 372 -7.74 -20.82 18.43
C GLU A 372 -7.48 -19.31 18.41
N ILE A 373 -6.74 -18.77 19.38
CA ILE A 373 -6.37 -17.35 19.41
C ILE A 373 -4.90 -17.23 19.82
N GLY A 374 -4.44 -15.98 20.02
CA GLY A 374 -3.07 -15.74 20.50
C GLY A 374 -1.98 -16.29 19.59
N TRP A 375 -0.97 -16.89 20.18
CA TRP A 375 0.10 -17.52 19.41
C TRP A 375 -0.10 -19.04 19.40
N ILE A 376 0.06 -19.66 18.23
CA ILE A 376 -0.31 -21.06 18.06
C ILE A 376 0.91 -21.85 17.60
N TYR A 377 0.87 -23.17 17.86
CA TYR A 377 1.94 -24.10 17.50
C TYR A 377 1.38 -25.27 16.67
N GLY A 378 2.20 -25.78 15.76
CA GLY A 378 1.83 -26.91 14.92
C GLY A 378 2.43 -28.22 15.41
N SER A 379 1.58 -29.25 15.49
CA SER A 379 1.80 -30.48 16.27
C SER A 379 3.12 -31.23 16.06
N VAL A 380 3.37 -32.26 16.88
CA VAL A 380 4.65 -32.96 17.07
C VAL A 380 5.44 -33.13 15.77
N THR A 381 6.76 -32.89 15.84
CA THR A 381 7.68 -32.65 14.73
C THR A 381 7.49 -31.27 14.09
N GLU A 382 6.94 -30.33 14.86
CA GLU A 382 6.88 -28.88 14.61
C GLU A 382 6.52 -28.44 13.20
N ASP A 383 5.22 -28.46 12.86
CA ASP A 383 4.75 -27.71 11.71
C ASP A 383 4.94 -26.22 11.94
N ILE A 384 4.92 -25.47 10.85
CA ILE A 384 5.09 -24.02 10.90
C ILE A 384 3.69 -23.43 10.75
N LEU A 385 3.02 -23.17 11.87
CA LEU A 385 1.71 -22.51 11.92
C LEU A 385 1.70 -21.36 12.96
N THR A 386 2.72 -20.50 12.95
CA THR A 386 3.06 -19.66 14.10
C THR A 386 2.65 -18.17 13.97
N GLY A 387 3.04 -17.39 14.99
CA GLY A 387 2.76 -15.97 15.09
C GLY A 387 1.52 -15.68 15.92
N PHE A 388 1.35 -14.42 16.30
CA PHE A 388 0.10 -14.08 16.98
C PHE A 388 -1.09 -14.22 16.02
N LYS A 389 -2.30 -14.06 16.58
CA LYS A 389 -3.50 -14.31 15.80
C LYS A 389 -4.57 -13.29 16.18
N MET A 390 -5.18 -12.68 15.15
CA MET A 390 -6.40 -11.89 15.37
C MET A 390 -7.47 -12.40 14.43
N HIS A 391 -8.59 -11.70 14.32
CA HIS A 391 -9.83 -12.35 13.92
C HIS A 391 -10.62 -11.60 12.85
N ALA A 392 -11.94 -11.77 12.86
CA ALA A 392 -12.80 -10.97 11.99
C ALA A 392 -12.58 -9.49 12.24
N ARG A 393 -12.22 -9.14 13.47
CA ARG A 393 -11.57 -7.89 13.85
C ARG A 393 -12.47 -6.67 13.79
N GLY A 394 -13.60 -6.73 13.06
CA GLY A 394 -14.41 -5.54 12.92
C GLY A 394 -13.59 -4.40 12.35
N TRP A 395 -13.31 -3.38 13.16
CA TRP A 395 -12.30 -2.38 12.83
C TRP A 395 -11.03 -2.63 13.64
N ARG A 396 -9.95 -2.98 12.95
CA ARG A 396 -8.62 -3.05 13.52
C ARG A 396 -7.59 -2.67 12.46
N SER A 397 -6.44 -2.22 12.93
CA SER A 397 -5.33 -1.91 12.05
C SER A 397 -4.06 -2.23 12.81
N ILE A 398 -2.95 -2.22 12.10
CA ILE A 398 -1.70 -2.67 12.67
C ILE A 398 -0.59 -1.89 11.98
N TYR A 399 0.43 -1.52 12.74
CA TYR A 399 1.50 -0.66 12.25
C TYR A 399 2.83 -1.36 12.40
N CYS A 400 3.42 -1.80 11.29
CA CYS A 400 4.68 -2.50 11.33
C CYS A 400 5.83 -1.72 10.68
N MET A 401 7.02 -1.95 11.21
CA MET A 401 8.24 -1.35 10.71
C MET A 401 9.29 -2.43 10.50
N PRO A 402 9.21 -3.13 9.37
CA PRO A 402 10.13 -4.25 9.07
C PRO A 402 11.57 -3.82 8.91
N LYS A 403 12.44 -4.81 8.68
CA LYS A 403 13.82 -4.52 8.33
C LYS A 403 14.50 -5.70 7.64
N ASN A 414 2.96 -16.19 -8.93
CA ASN A 414 1.61 -15.65 -8.92
C ASN A 414 1.51 -14.25 -8.35
N LEU A 415 0.40 -13.61 -8.68
CA LEU A 415 0.08 -12.29 -8.16
C LEU A 415 -0.21 -12.34 -6.66
N SER A 416 -1.21 -13.15 -6.27
CA SER A 416 -1.61 -13.25 -4.87
C SER A 416 -0.48 -13.81 -4.01
N ASP A 417 0.22 -14.83 -4.52
CA ASP A 417 1.32 -15.45 -3.79
C ASP A 417 2.50 -14.50 -3.64
N ARG A 418 2.90 -13.84 -4.73
CA ARG A 418 4.00 -12.88 -4.66
C ARG A 418 3.65 -11.71 -3.75
N LEU A 419 2.38 -11.34 -3.69
CA LEU A 419 1.96 -10.33 -2.72
C LEU A 419 1.83 -10.93 -1.33
N ASN A 420 1.54 -12.23 -1.22
CA ASN A 420 1.41 -12.79 0.11
C ASN A 420 2.77 -12.93 0.76
N GLN A 421 3.82 -13.07 -0.04
CA GLN A 421 5.16 -13.16 0.53
C GLN A 421 5.61 -11.83 1.13
N VAL A 422 5.39 -10.71 0.42
CA VAL A 422 5.86 -9.45 0.98
C VAL A 422 5.03 -9.07 2.21
N LEU A 423 3.72 -9.26 2.13
CA LEU A 423 2.82 -9.09 3.28
C LEU A 423 3.00 -10.31 4.18
N ARG A 424 4.22 -10.45 4.69
CA ARG A 424 4.67 -11.50 5.59
C ARG A 424 6.06 -11.06 5.99
N TRP A 425 6.75 -10.45 5.05
CA TRP A 425 7.99 -9.80 5.42
C TRP A 425 7.67 -8.59 6.27
N ALA A 426 6.63 -7.85 5.91
CA ALA A 426 6.24 -6.66 6.67
C ALA A 426 5.74 -6.99 8.06
N LEU A 427 5.38 -8.27 8.32
CA LEU A 427 4.92 -8.72 9.63
C LEU A 427 5.97 -9.57 10.30
N GLY A 428 7.21 -9.49 9.85
CA GLY A 428 8.25 -10.32 10.44
C GLY A 428 7.90 -11.78 10.37
N SER A 429 7.77 -12.32 9.16
CA SER A 429 7.42 -13.73 8.89
C SER A 429 6.14 -14.13 9.63
N GLN B 18 -16.85 17.94 -5.69
CA GLN B 18 -16.77 18.25 -7.12
C GLN B 18 -16.04 17.17 -7.91
N LEU B 19 -16.54 16.87 -9.10
CA LEU B 19 -15.92 15.92 -10.01
C LEU B 19 -15.43 16.65 -11.25
N ALA B 20 -14.15 16.50 -11.55
CA ALA B 20 -13.52 17.16 -12.68
C ALA B 20 -13.55 16.26 -13.90
N ALA B 21 -13.50 16.88 -15.08
CA ALA B 21 -13.55 16.14 -16.32
C ALA B 21 -12.35 15.22 -16.47
N VAL B 22 -12.58 14.09 -17.11
CA VAL B 22 -11.53 13.13 -17.42
C VAL B 22 -11.64 12.82 -18.90
N ASP B 23 -10.50 12.65 -19.56
CA ASP B 23 -10.46 12.20 -20.94
C ASP B 23 -9.90 10.79 -20.96
N ILE B 24 -10.68 9.82 -21.45
CA ILE B 24 -10.26 8.41 -21.46
C ILE B 24 -9.81 8.03 -22.86
N PHE B 25 -8.63 7.40 -22.95
CA PHE B 25 -7.98 7.08 -24.20
C PHE B 25 -7.99 5.58 -24.43
N VAL B 26 -8.15 5.18 -25.69
CA VAL B 26 -8.03 3.79 -26.09
C VAL B 26 -7.53 3.73 -27.51
N SER B 27 -6.47 2.96 -27.75
CA SER B 27 -5.78 2.94 -29.03
C SER B 27 -6.05 1.64 -29.78
N THR B 28 -5.99 1.73 -31.10
CA THR B 28 -6.26 0.60 -31.98
C THR B 28 -5.22 0.58 -33.09
N VAL B 29 -4.75 -0.62 -33.42
CA VAL B 29 -3.71 -0.79 -34.42
C VAL B 29 -4.27 -1.36 -35.72
N ASP B 30 -5.12 -2.40 -35.63
CA ASP B 30 -5.64 -3.19 -36.74
C ASP B 30 -6.84 -4.00 -36.22
N PRO B 31 -8.01 -3.84 -36.82
CA PRO B 31 -9.21 -4.50 -36.27
C PRO B 31 -9.22 -6.01 -36.40
N LEU B 32 -8.28 -6.61 -37.13
CA LEU B 32 -8.15 -8.06 -37.15
C LEU B 32 -6.98 -8.53 -36.30
N LYS B 33 -6.10 -7.62 -35.91
CA LYS B 33 -5.25 -7.90 -34.75
C LYS B 33 -6.09 -7.83 -33.49
N GLU B 34 -6.99 -6.87 -33.43
CA GLU B 34 -7.82 -6.61 -32.25
C GLU B 34 -9.27 -6.74 -32.65
N PRO B 35 -9.97 -7.76 -32.20
CA PRO B 35 -11.35 -7.96 -32.65
C PRO B 35 -12.18 -6.73 -32.33
N PRO B 36 -12.88 -6.19 -33.32
CA PRO B 36 -13.64 -4.95 -33.08
C PRO B 36 -14.67 -5.07 -31.98
N LEU B 37 -15.27 -6.25 -31.79
CA LEU B 37 -16.26 -6.42 -30.73
C LEU B 37 -15.66 -6.24 -29.34
N VAL B 38 -14.40 -6.67 -29.13
CA VAL B 38 -13.79 -6.47 -27.82
C VAL B 38 -13.62 -4.99 -27.54
N THR B 39 -13.18 -4.24 -28.55
CA THR B 39 -13.02 -2.81 -28.36
C THR B 39 -14.38 -2.13 -28.19
N ALA B 40 -15.40 -2.65 -28.86
CA ALA B 40 -16.75 -2.10 -28.69
C ALA B 40 -17.25 -2.27 -27.26
N ASN B 41 -17.05 -3.45 -26.67
CA ASN B 41 -17.47 -3.68 -25.28
C ASN B 41 -16.74 -2.76 -24.32
N THR B 42 -15.44 -2.54 -24.54
CA THR B 42 -14.69 -1.64 -23.68
C THR B 42 -15.23 -0.23 -23.80
N VAL B 43 -15.50 0.21 -25.02
CA VAL B 43 -15.95 1.57 -25.23
C VAL B 43 -17.33 1.78 -24.64
N LEU B 44 -18.23 0.79 -24.79
CA LEU B 44 -19.54 0.96 -24.18
C LEU B 44 -19.46 0.90 -22.68
N SER B 45 -18.51 0.16 -22.13
CA SER B 45 -18.28 0.27 -20.69
C SER B 45 -17.83 1.68 -20.35
N ILE B 46 -17.17 2.36 -21.30
CA ILE B 46 -16.74 3.74 -21.06
C ILE B 46 -17.93 4.69 -21.08
N LEU B 47 -18.74 4.64 -22.15
CA LEU B 47 -19.85 5.58 -22.24
C LEU B 47 -20.90 5.30 -21.19
N ALA B 48 -20.93 4.11 -20.62
CA ALA B 48 -21.90 3.76 -19.59
C ALA B 48 -21.38 4.00 -18.19
N VAL B 49 -20.20 4.60 -18.04
CA VAL B 49 -19.65 4.87 -16.72
C VAL B 49 -20.59 5.80 -15.96
N ASP B 50 -20.63 5.64 -14.64
CA ASP B 50 -21.50 6.45 -13.79
C ASP B 50 -20.74 7.72 -13.42
N TYR B 51 -21.02 8.79 -14.17
CA TYR B 51 -20.27 10.04 -14.10
C TYR B 51 -20.99 11.09 -14.94
N PRO B 52 -20.86 12.38 -14.61
CA PRO B 52 -21.47 13.42 -15.45
C PRO B 52 -21.05 13.28 -16.91
N VAL B 53 -22.04 13.30 -17.80
CA VAL B 53 -21.80 13.01 -19.21
C VAL B 53 -20.90 14.08 -19.83
N ASP B 54 -21.12 15.35 -19.50
CA ASP B 54 -20.36 16.44 -20.07
C ASP B 54 -18.91 16.47 -19.60
N LYS B 55 -18.58 15.78 -18.52
CA LYS B 55 -17.23 15.79 -17.95
C LYS B 55 -16.57 14.43 -18.05
N VAL B 56 -16.95 13.64 -19.06
CA VAL B 56 -16.24 12.43 -19.44
C VAL B 56 -16.11 12.40 -20.96
N SER B 57 -14.92 12.07 -21.45
CA SER B 57 -14.63 12.11 -22.87
C SER B 57 -13.91 10.82 -23.27
N CYS B 58 -14.25 10.29 -24.45
CA CYS B 58 -13.69 9.03 -24.92
C CYS B 58 -12.98 9.22 -26.26
N TYR B 59 -11.67 9.06 -26.26
CA TYR B 59 -10.88 9.21 -27.49
C TYR B 59 -10.41 7.84 -27.94
N VAL B 60 -10.81 7.44 -29.13
CA VAL B 60 -10.42 6.15 -29.69
C VAL B 60 -9.48 6.41 -30.86
N SER B 61 -8.22 6.03 -30.70
CA SER B 61 -7.25 6.10 -31.80
C SER B 61 -7.31 4.84 -32.66
N ASP B 62 -7.20 5.04 -33.97
CA ASP B 62 -7.06 3.96 -34.95
C ASP B 62 -5.88 4.28 -35.86
N ASP B 63 -4.70 3.77 -35.53
CA ASP B 63 -3.56 4.10 -36.38
C ASP B 63 -3.62 3.38 -37.72
N GLY B 64 -4.43 2.33 -37.85
CA GLY B 64 -4.56 1.70 -39.14
C GLY B 64 -5.41 2.46 -40.12
N ALA B 65 -6.27 3.37 -39.63
CA ALA B 65 -7.22 4.09 -40.46
C ALA B 65 -8.17 3.14 -41.19
N ALA B 66 -8.59 2.09 -40.50
CA ALA B 66 -9.46 1.09 -41.11
C ALA B 66 -10.91 1.56 -41.09
N MET B 67 -11.52 1.62 -42.27
CA MET B 67 -12.95 1.86 -42.34
C MET B 67 -13.71 0.88 -41.46
N LEU B 68 -13.23 -0.35 -41.35
CA LEU B 68 -13.85 -1.32 -40.47
C LEU B 68 -13.81 -0.83 -39.03
N SER B 69 -12.69 -0.23 -38.62
CA SER B 69 -12.67 0.38 -37.30
C SER B 69 -13.73 1.48 -37.21
N PHE B 70 -13.78 2.33 -38.21
CA PHE B 70 -14.68 3.48 -38.12
C PHE B 70 -16.14 3.03 -38.15
N GLU B 71 -16.50 2.20 -39.14
CA GLU B 71 -17.90 1.76 -39.21
C GLU B 71 -18.30 1.02 -37.95
N SER B 72 -17.44 0.14 -37.44
CA SER B 72 -17.75 -0.54 -36.19
C SER B 72 -17.92 0.47 -35.08
N LEU B 73 -17.16 1.56 -35.15
CA LEU B 73 -17.30 2.64 -34.18
C LEU B 73 -18.70 3.23 -34.20
N ALA B 74 -19.30 3.33 -35.39
CA ALA B 74 -20.63 3.95 -35.49
C ALA B 74 -21.71 3.04 -34.94
N GLU B 75 -21.71 1.77 -35.36
CA GLU B 75 -22.69 0.81 -34.86
C GLU B 75 -22.64 0.73 -33.34
N THR B 76 -21.43 0.74 -32.79
CA THR B 76 -21.28 0.69 -31.35
C THR B 76 -21.93 1.91 -30.71
N SER B 77 -21.70 3.09 -31.29
CA SER B 77 -22.21 4.33 -30.74
C SER B 77 -23.74 4.38 -30.77
N GLU B 78 -24.34 4.02 -31.89
CA GLU B 78 -25.79 4.13 -31.94
C GLU B 78 -26.46 3.01 -31.17
N PHE B 79 -25.77 1.88 -31.00
CA PHE B 79 -26.22 0.89 -30.04
C PHE B 79 -26.11 1.46 -28.63
N ALA B 80 -25.09 2.29 -28.38
CA ALA B 80 -24.92 2.85 -27.05
C ALA B 80 -26.15 3.64 -26.63
N ARG B 81 -26.80 4.33 -27.56
CA ARG B 81 -27.98 5.08 -27.19
C ARG B 81 -29.08 4.16 -26.68
N LYS B 82 -29.06 2.90 -27.10
CA LYS B 82 -29.95 1.91 -26.49
C LYS B 82 -29.38 1.42 -25.17
N TRP B 83 -28.07 1.22 -25.11
CA TRP B 83 -27.46 0.49 -24.00
C TRP B 83 -27.34 1.35 -22.74
N VAL B 84 -26.93 2.61 -22.86
CA VAL B 84 -26.66 3.43 -21.66
C VAL B 84 -27.90 3.61 -20.77
N PRO B 85 -29.05 4.07 -21.27
CA PRO B 85 -30.18 4.29 -20.34
C PRO B 85 -30.60 3.04 -19.61
N PHE B 86 -30.52 1.89 -20.30
CA PHE B 86 -30.87 0.61 -19.70
C PHE B 86 -30.00 0.33 -18.47
N CYS B 87 -28.68 0.30 -18.66
CA CYS B 87 -27.77 0.04 -17.53
C CYS B 87 -27.98 1.02 -16.39
N LYS B 88 -28.21 2.29 -16.71
CA LYS B 88 -28.32 3.29 -15.66
C LYS B 88 -29.63 3.13 -14.90
N LYS B 89 -30.70 2.73 -15.59
CA LYS B 89 -31.98 2.55 -14.92
C LYS B 89 -31.93 1.38 -13.95
N TYR B 90 -31.37 0.25 -14.39
CA TYR B 90 -31.41 -0.97 -13.63
C TYR B 90 -30.08 -1.26 -12.94
N SER B 91 -29.16 -0.29 -12.93
CA SER B 91 -27.89 -0.39 -12.21
C SER B 91 -27.12 -1.66 -12.60
N ILE B 92 -26.98 -1.86 -13.91
CA ILE B 92 -26.33 -3.05 -14.44
C ILE B 92 -24.83 -2.96 -14.23
N GLU B 93 -24.21 -4.08 -13.84
CA GLU B 93 -22.78 -4.19 -13.64
C GLU B 93 -22.36 -5.61 -13.99
N PRO B 94 -21.33 -5.78 -14.84
CA PRO B 94 -20.49 -4.72 -15.40
C PRO B 94 -21.08 -4.07 -16.64
N ARG B 95 -20.55 -2.91 -17.00
CA ARG B 95 -21.10 -2.10 -18.07
C ARG B 95 -20.70 -2.58 -19.47
N ALA B 96 -20.20 -3.81 -19.60
CA ALA B 96 -19.88 -4.41 -20.89
C ALA B 96 -20.88 -5.49 -21.26
N PRO B 97 -21.56 -5.42 -22.41
CA PRO B 97 -22.66 -6.36 -22.70
C PRO B 97 -22.29 -7.83 -22.72
N GLU B 98 -21.19 -8.19 -23.39
CA GLU B 98 -20.85 -9.61 -23.53
C GLU B 98 -20.66 -10.27 -22.18
N TRP B 99 -19.95 -9.61 -21.30
CA TRP B 99 -19.71 -10.18 -19.99
C TRP B 99 -20.98 -10.17 -19.12
N TYR B 100 -21.86 -9.17 -19.31
CA TYR B 100 -23.07 -9.14 -18.49
C TYR B 100 -24.03 -10.26 -18.87
N PHE B 101 -24.40 -10.38 -20.14
CA PHE B 101 -25.34 -11.43 -20.51
C PHE B 101 -24.73 -12.82 -20.42
N ALA B 102 -23.47 -12.93 -20.06
CA ALA B 102 -22.85 -14.21 -19.75
C ALA B 102 -22.92 -14.54 -18.26
N ALA B 103 -23.12 -13.52 -17.42
CA ALA B 103 -23.15 -13.68 -15.98
C ALA B 103 -24.47 -14.33 -15.54
N LYS B 104 -24.45 -14.85 -14.31
CA LYS B 104 -25.62 -15.50 -13.73
C LYS B 104 -26.56 -14.46 -13.13
N ILE B 105 -27.86 -14.56 -13.45
CA ILE B 105 -28.88 -13.76 -12.80
C ILE B 105 -29.92 -14.69 -12.18
N ASP B 106 -30.49 -14.25 -11.05
CA ASP B 106 -31.39 -15.07 -10.23
C ASP B 106 -32.85 -14.71 -10.55
N TYR B 107 -33.50 -15.53 -11.38
CA TYR B 107 -34.93 -15.36 -11.65
C TYR B 107 -35.81 -15.77 -10.47
N LEU B 108 -35.26 -16.48 -9.48
CA LEU B 108 -36.00 -17.00 -8.33
C LEU B 108 -36.22 -15.97 -7.22
N LYS B 109 -35.59 -14.79 -7.30
CA LYS B 109 -35.51 -13.90 -6.15
C LYS B 109 -36.87 -13.26 -5.83
N ASP B 110 -37.54 -12.71 -6.84
CA ASP B 110 -38.78 -11.98 -6.62
C ASP B 110 -39.97 -12.76 -7.17
N LYS B 111 -41.13 -12.52 -6.56
CA LYS B 111 -42.34 -13.25 -6.91
C LYS B 111 -43.18 -12.55 -7.97
N VAL B 112 -42.82 -11.32 -8.33
CA VAL B 112 -43.45 -10.60 -9.42
C VAL B 112 -42.33 -9.97 -10.23
N GLN B 113 -42.47 -9.97 -11.54
CA GLN B 113 -41.44 -9.44 -12.42
C GLN B 113 -41.85 -8.07 -12.94
N THR B 114 -40.98 -7.08 -12.75
CA THR B 114 -41.21 -5.71 -13.18
C THR B 114 -40.81 -5.54 -14.65
N SER B 115 -40.70 -4.28 -15.10
CA SER B 115 -40.37 -3.96 -16.49
C SER B 115 -38.97 -4.41 -16.89
N PHE B 116 -38.13 -4.73 -15.91
CA PHE B 116 -36.75 -5.12 -16.20
C PHE B 116 -36.66 -6.32 -17.13
N VAL B 117 -37.56 -7.30 -16.99
CA VAL B 117 -37.40 -8.54 -17.73
C VAL B 117 -37.61 -8.32 -19.23
N LYS B 118 -38.74 -7.71 -19.63
CA LYS B 118 -38.99 -7.47 -21.05
C LYS B 118 -37.88 -6.64 -21.67
N ASP B 119 -37.39 -5.64 -20.94
CA ASP B 119 -36.35 -4.80 -21.48
C ASP B 119 -35.00 -5.50 -21.52
N ARG B 120 -34.76 -6.43 -20.58
CA ARG B 120 -33.47 -7.12 -20.56
C ARG B 120 -33.26 -7.96 -21.81
N ARG B 121 -34.29 -8.74 -22.20
CA ARG B 121 -34.17 -9.57 -23.39
C ARG B 121 -34.36 -8.76 -24.67
N ALA B 122 -35.17 -7.69 -24.62
CA ALA B 122 -35.20 -6.75 -25.73
C ALA B 122 -33.81 -6.17 -25.93
N MET B 123 -33.13 -5.89 -24.82
CA MET B 123 -31.74 -5.46 -24.87
C MET B 123 -30.85 -6.57 -25.40
N LYS B 124 -31.03 -7.79 -24.87
CA LYS B 124 -30.25 -8.94 -25.34
C LYS B 124 -30.50 -9.21 -26.82
N ARG B 125 -31.75 -9.04 -27.26
CA ARG B 125 -32.06 -9.16 -28.68
C ARG B 125 -31.24 -8.19 -29.51
N GLU B 126 -31.15 -6.93 -29.06
CA GLU B 126 -30.36 -5.96 -29.81
C GLU B 126 -28.87 -6.28 -29.76
N TYR B 127 -28.38 -6.81 -28.64
CA TYR B 127 -26.96 -7.13 -28.58
C TYR B 127 -26.58 -8.14 -29.64
N GLU B 128 -27.38 -9.19 -29.76
CA GLU B 128 -27.14 -10.19 -30.79
C GLU B 128 -27.39 -9.61 -32.17
N GLU B 129 -28.44 -8.78 -32.29
CA GLU B 129 -28.67 -7.99 -33.50
C GLU B 129 -27.44 -7.16 -33.84
N PHE B 130 -26.92 -6.44 -32.84
CA PHE B 130 -25.69 -5.67 -33.03
C PHE B 130 -24.54 -6.58 -33.46
N LYS B 131 -24.32 -7.67 -32.72
CA LYS B 131 -23.21 -8.58 -33.01
C LYS B 131 -23.28 -9.08 -34.44
N ILE B 132 -24.49 -9.40 -34.92
CA ILE B 132 -24.65 -9.82 -36.31
C ILE B 132 -24.20 -8.73 -37.27
N ARG B 133 -24.57 -7.48 -37.00
CA ARG B 133 -24.18 -6.40 -37.90
C ARG B 133 -22.67 -6.24 -37.94
N ILE B 134 -22.01 -6.46 -36.81
CA ILE B 134 -20.56 -6.31 -36.77
C ILE B 134 -19.85 -7.45 -37.48
N ASN B 135 -20.29 -8.69 -37.24
CA ASN B 135 -19.79 -9.81 -38.03
C ASN B 135 -19.84 -9.49 -39.50
N ALA B 136 -20.96 -8.94 -39.95
CA ALA B 136 -21.10 -8.59 -41.36
C ALA B 136 -20.06 -7.56 -41.78
N LEU B 137 -19.71 -6.63 -40.90
CA LEU B 137 -18.75 -5.59 -41.28
C LEU B 137 -17.36 -6.17 -41.47
N VAL B 138 -16.89 -7.00 -40.52
CA VAL B 138 -15.58 -7.61 -40.68
C VAL B 138 -15.61 -8.66 -41.78
N SER B 139 -16.77 -9.28 -42.02
CA SER B 139 -16.87 -10.28 -43.06
C SER B 139 -16.61 -9.67 -44.43
N LYS B 140 -17.16 -8.47 -44.66
CA LYS B 140 -16.92 -7.78 -45.92
C LYS B 140 -15.63 -6.98 -45.88
N ALA B 141 -15.08 -6.75 -44.69
CA ALA B 141 -13.76 -6.14 -44.58
C ALA B 141 -12.65 -7.12 -44.93
N LEU B 142 -12.93 -8.42 -44.91
CA LEU B 142 -11.90 -9.41 -45.18
C LEU B 142 -11.42 -9.31 -46.63
N LYS B 143 -12.33 -9.37 -47.59
CA LYS B 143 -11.97 -9.27 -49.00
C LYS B 143 -11.81 -7.80 -49.38
N CYS B 144 -10.60 -7.44 -49.81
CA CYS B 144 -10.24 -6.06 -50.05
C CYS B 144 -10.35 -5.75 -51.52
N PRO B 145 -11.21 -4.82 -51.93
CA PRO B 145 -11.27 -4.45 -53.34
C PRO B 145 -10.04 -3.66 -53.74
N GLU B 146 -9.57 -3.89 -54.96
CA GLU B 146 -8.37 -3.21 -55.45
C GLU B 146 -8.59 -1.73 -55.67
N GLU B 147 -9.85 -1.31 -55.80
CA GLU B 147 -10.18 0.08 -56.08
C GLU B 147 -10.48 0.83 -54.77
N GLY B 148 -10.07 0.28 -53.64
CA GLY B 148 -10.24 0.97 -52.38
C GLY B 148 -11.64 0.79 -51.85
N TRP B 149 -11.84 1.28 -50.63
CA TRP B 149 -13.10 1.14 -49.91
C TRP B 149 -14.05 2.28 -50.23
N VAL B 150 -15.31 1.94 -50.49
CA VAL B 150 -16.41 2.90 -50.56
C VAL B 150 -17.29 2.70 -49.33
N MET B 151 -17.69 3.79 -48.69
CA MET B 151 -18.46 3.69 -47.47
C MET B 151 -19.90 3.25 -47.75
N GLN B 152 -20.62 3.02 -46.65
CA GLN B 152 -21.99 2.56 -46.72
C GLN B 152 -22.87 3.59 -47.44
N ASP B 153 -22.54 4.87 -47.26
CA ASP B 153 -23.26 5.98 -47.87
C ASP B 153 -22.74 6.37 -49.26
N GLY B 154 -21.68 5.72 -49.76
CA GLY B 154 -21.13 5.98 -51.07
C GLY B 154 -19.83 6.74 -51.09
N THR B 155 -19.62 7.65 -50.13
CA THR B 155 -18.40 8.45 -50.12
C THR B 155 -17.18 7.53 -50.00
N PRO B 156 -16.11 7.78 -50.74
CA PRO B 156 -14.92 6.94 -50.61
C PRO B 156 -14.25 7.13 -49.24
N TRP B 157 -13.74 6.03 -48.72
CA TRP B 157 -13.01 6.06 -47.45
C TRP B 157 -11.68 6.76 -47.65
N PRO B 158 -11.36 7.79 -46.84
CA PRO B 158 -10.06 8.47 -46.99
C PRO B 158 -8.85 7.62 -46.63
N GLY B 159 -9.04 6.44 -46.04
CA GLY B 159 -7.91 5.64 -45.58
C GLY B 159 -7.57 4.37 -46.35
N ASN B 160 -7.76 4.38 -47.68
CA ASN B 160 -7.41 3.20 -48.47
C ASN B 160 -5.93 2.88 -48.39
N ASN B 161 -5.08 3.90 -48.50
CA ASN B 161 -3.65 3.73 -48.31
C ASN B 161 -3.32 3.96 -46.83
N THR B 162 -2.68 2.96 -46.20
CA THR B 162 -2.45 3.01 -44.76
C THR B 162 -1.40 4.05 -44.38
N ARG B 163 -0.38 4.24 -45.21
CA ARG B 163 0.65 5.24 -44.98
C ARG B 163 0.40 6.52 -45.76
N ASP B 164 -0.80 6.68 -46.32
CA ASP B 164 -1.15 7.86 -47.10
C ASP B 164 -2.64 8.15 -46.88
N HIS B 165 -2.94 9.04 -45.94
CA HIS B 165 -4.31 9.47 -45.68
C HIS B 165 -4.26 10.74 -44.85
N PRO B 166 -5.27 11.62 -44.96
CA PRO B 166 -5.30 12.83 -44.15
C PRO B 166 -5.71 12.51 -42.72
N GLY B 167 -5.47 13.49 -41.84
CA GLY B 167 -5.95 13.34 -40.48
C GLY B 167 -7.46 13.32 -40.47
N MET B 168 -8.02 12.38 -39.73
CA MET B 168 -9.46 12.21 -39.63
C MET B 168 -9.84 12.25 -38.16
N ILE B 169 -10.83 13.07 -37.84
CA ILE B 169 -11.43 13.05 -36.51
C ILE B 169 -12.93 13.25 -36.69
N GLN B 170 -13.71 12.33 -36.15
CA GLN B 170 -15.16 12.43 -36.21
C GLN B 170 -15.68 12.24 -34.79
N VAL B 171 -16.53 13.15 -34.37
CA VAL B 171 -17.02 13.17 -32.99
C VAL B 171 -18.39 12.52 -32.99
N PHE B 172 -18.62 11.71 -31.97
CA PHE B 172 -19.87 11.00 -31.82
C PHE B 172 -20.63 11.47 -30.59
N LEU B 173 -21.95 11.19 -30.61
CA LEU B 173 -22.88 11.49 -29.53
C LEU B 173 -22.62 12.86 -28.92
N GLY B 174 -22.36 12.89 -27.61
CA GLY B 174 -22.07 14.14 -26.99
C GLY B 174 -23.25 15.09 -27.00
N GLN B 175 -22.94 16.37 -27.01
CA GLN B 175 -23.91 17.46 -26.90
C GLN B 175 -24.46 17.92 -28.23
N ASN B 176 -23.92 17.46 -29.35
CA ASN B 176 -24.41 17.91 -30.65
C ASN B 176 -25.08 16.82 -31.45
N GLY B 177 -24.81 15.56 -31.15
CA GLY B 177 -25.50 14.45 -31.76
C GLY B 177 -26.11 13.57 -30.71
N GLY B 178 -26.29 12.30 -31.06
CA GLY B 178 -26.57 11.27 -30.08
C GLY B 178 -27.90 11.38 -29.37
N LEU B 179 -27.84 11.54 -28.04
CA LEU B 179 -29.03 11.55 -27.18
C LEU B 179 -29.63 10.16 -27.18
N ASP B 180 -29.43 9.38 -26.12
CA ASP B 180 -29.96 8.02 -25.98
C ASP B 180 -31.47 7.92 -26.14
N ALA B 181 -31.98 6.68 -26.19
CA ALA B 181 -33.41 6.46 -26.47
C ALA B 181 -34.28 7.10 -25.40
N GLU B 182 -33.76 7.22 -24.18
CA GLU B 182 -34.41 8.01 -23.14
C GLU B 182 -34.00 9.47 -23.19
N GLY B 183 -33.32 9.89 -24.25
CA GLY B 183 -33.23 11.30 -24.58
C GLY B 183 -32.29 12.18 -23.81
N ASN B 184 -31.36 11.61 -23.05
CA ASN B 184 -30.35 12.42 -22.39
C ASN B 184 -29.03 12.26 -23.13
N GLU B 185 -28.16 13.26 -23.02
CA GLU B 185 -26.94 13.24 -23.82
C GLU B 185 -25.90 12.35 -23.19
N LEU B 186 -25.10 11.76 -24.06
CA LEU B 186 -24.11 10.76 -23.67
C LEU B 186 -22.70 11.33 -23.80
N PRO B 187 -21.70 10.67 -23.21
CA PRO B 187 -20.32 11.14 -23.35
C PRO B 187 -19.95 11.33 -24.82
N ARG B 188 -19.09 12.31 -25.08
CA ARG B 188 -18.60 12.49 -26.43
C ARG B 188 -17.76 11.28 -26.83
N LEU B 189 -17.79 10.94 -28.10
CA LEU B 189 -16.94 9.85 -28.57
C LEU B 189 -16.22 10.29 -29.84
N VAL B 190 -14.90 10.29 -29.78
CA VAL B 190 -14.08 10.89 -30.82
C VAL B 190 -13.20 9.83 -31.49
N TYR B 191 -13.48 9.57 -32.77
CA TYR B 191 -12.57 8.77 -33.58
C TYR B 191 -11.36 9.62 -33.93
N VAL B 192 -10.16 9.13 -33.62
CA VAL B 192 -8.94 9.83 -34.02
C VAL B 192 -8.14 8.91 -34.93
N SER B 193 -7.55 9.49 -35.97
CA SER B 193 -6.60 8.79 -36.85
C SER B 193 -5.65 9.85 -37.39
N ARG B 194 -4.46 9.90 -36.82
CA ARG B 194 -3.52 10.94 -37.16
C ARG B 194 -3.09 10.83 -38.61
N GLU B 195 -2.62 11.94 -39.16
CA GLU B 195 -2.23 11.98 -40.54
C GLU B 195 -1.05 11.04 -40.79
N LYS B 196 -1.10 10.36 -41.93
CA LYS B 196 -0.05 9.44 -42.35
C LYS B 196 0.40 9.81 -43.75
N ARG B 197 1.68 10.12 -43.91
CA ARG B 197 2.25 10.47 -45.20
C ARG B 197 3.61 9.78 -45.33
N PRO B 198 3.92 9.22 -46.49
CA PRO B 198 5.21 8.54 -46.66
C PRO B 198 6.38 9.49 -46.41
N GLY B 199 7.35 9.01 -45.64
CA GLY B 199 8.52 9.79 -45.29
C GLY B 199 8.52 10.34 -43.88
N PHE B 200 7.46 10.11 -43.10
CA PHE B 200 7.35 10.62 -41.75
C PHE B 200 7.30 9.45 -40.78
N GLN B 201 8.27 9.41 -39.87
CA GLN B 201 8.26 8.43 -38.81
C GLN B 201 7.19 8.82 -37.78
N HIS B 202 6.32 7.87 -37.47
CA HIS B 202 5.15 8.15 -36.66
C HIS B 202 5.27 7.68 -35.21
N HIS B 203 6.29 6.88 -34.89
CA HIS B 203 6.48 6.32 -33.55
C HIS B 203 5.28 5.48 -33.12
N LYS B 204 4.75 4.69 -34.06
CA LYS B 204 3.52 3.90 -33.94
C LYS B 204 2.71 4.17 -32.67
N LYS B 205 2.97 3.39 -31.63
CA LYS B 205 2.21 3.49 -30.40
C LYS B 205 2.54 4.78 -29.65
N ALA B 206 3.81 5.17 -29.64
CA ALA B 206 4.20 6.38 -28.91
C ALA B 206 3.66 7.63 -29.58
N GLY B 207 3.74 7.68 -30.92
CA GLY B 207 3.22 8.84 -31.63
C GLY B 207 1.71 8.92 -31.59
N ALA B 208 1.04 7.77 -31.68
CA ALA B 208 -0.43 7.78 -31.63
C ALA B 208 -0.94 8.42 -30.35
N MET B 209 -0.29 8.16 -29.22
CA MET B 209 -0.83 8.67 -27.97
C MET B 209 -0.41 10.10 -27.69
N ASN B 210 0.77 10.51 -28.15
CA ASN B 210 1.14 11.91 -28.04
C ASN B 210 0.20 12.77 -28.88
N ALA B 211 -0.06 12.33 -30.12
CA ALA B 211 -1.08 12.98 -30.94
C ALA B 211 -2.44 12.98 -30.26
N LEU B 212 -2.79 11.89 -29.61
CA LEU B 212 -4.10 11.82 -29.00
C LEU B 212 -4.15 12.63 -27.70
N VAL B 213 -3.03 12.70 -26.99
CA VAL B 213 -2.91 13.63 -25.87
C VAL B 213 -3.27 15.04 -26.29
N ARG B 214 -2.72 15.46 -27.42
CA ARG B 214 -2.94 16.85 -27.82
C ARG B 214 -4.31 17.04 -28.41
N VAL B 215 -4.78 16.09 -29.24
CA VAL B 215 -6.13 16.22 -29.76
C VAL B 215 -7.11 16.24 -28.60
N SER B 216 -6.77 15.56 -27.51
CA SER B 216 -7.59 15.67 -26.32
C SER B 216 -7.37 17.00 -25.59
N ALA B 217 -6.22 17.64 -25.81
CA ALA B 217 -5.95 18.90 -25.11
C ALA B 217 -6.70 20.05 -25.74
N VAL B 218 -6.78 20.10 -27.07
CA VAL B 218 -7.36 21.26 -27.74
C VAL B 218 -8.88 21.20 -27.75
N LEU B 219 -9.47 20.02 -27.76
CA LEU B 219 -10.92 19.95 -27.60
C LEU B 219 -11.23 20.04 -26.11
N THR B 220 -12.28 19.36 -25.66
CA THR B 220 -12.61 19.41 -24.24
C THR B 220 -11.38 18.97 -23.45
N ASN B 221 -10.64 19.96 -22.94
CA ASN B 221 -9.36 19.72 -22.30
C ASN B 221 -9.64 19.22 -20.90
N GLY B 222 -9.54 17.91 -20.71
CA GLY B 222 -9.83 17.29 -19.44
C GLY B 222 -8.65 17.37 -18.49
N PRO B 223 -8.94 17.69 -17.24
CA PRO B 223 -7.86 17.75 -16.22
C PRO B 223 -7.19 16.41 -15.92
N PHE B 224 -7.87 15.29 -16.12
CA PHE B 224 -7.30 13.98 -15.82
C PHE B 224 -7.45 13.06 -17.03
N ILE B 225 -6.52 12.11 -17.13
CA ILE B 225 -6.41 11.26 -18.30
C ILE B 225 -6.33 9.81 -17.87
N LEU B 226 -7.03 8.95 -18.62
CA LEU B 226 -7.13 7.52 -18.32
C LEU B 226 -7.05 6.77 -19.64
N ASN B 227 -5.87 6.28 -20.01
CA ASN B 227 -5.74 5.46 -21.20
C ASN B 227 -5.97 3.98 -20.87
N LEU B 228 -6.69 3.29 -21.75
CA LEU B 228 -7.06 1.90 -21.57
C LEU B 228 -6.68 1.12 -22.80
N ASP B 229 -6.19 -0.09 -22.56
CA ASP B 229 -6.02 -1.03 -23.65
C ASP B 229 -7.38 -1.39 -24.22
N CYS B 230 -7.37 -1.74 -25.51
CA CYS B 230 -8.61 -1.99 -26.26
C CYS B 230 -9.49 -3.04 -25.60
N ASP B 231 -8.92 -3.88 -24.73
CA ASP B 231 -9.68 -4.91 -24.03
C ASP B 231 -9.92 -4.57 -22.56
N HIS B 232 -9.61 -3.36 -22.13
CA HIS B 232 -9.70 -3.03 -20.72
C HIS B 232 -11.04 -2.35 -20.45
N TYR B 233 -12.06 -3.18 -20.33
CA TYR B 233 -13.40 -2.77 -19.96
C TYR B 233 -13.46 -2.36 -18.50
N ILE B 234 -14.24 -1.31 -18.21
CA ILE B 234 -14.47 -0.90 -16.82
C ILE B 234 -15.44 -1.89 -16.17
N ASN B 235 -14.99 -2.53 -15.09
CA ASN B 235 -15.88 -3.49 -14.45
C ASN B 235 -16.93 -2.79 -13.59
N ASN B 236 -16.55 -1.77 -12.83
CA ASN B 236 -17.46 -1.08 -11.93
C ASN B 236 -17.77 0.29 -12.49
N SER B 237 -19.06 0.57 -12.66
CA SER B 237 -19.50 1.77 -13.34
C SER B 237 -19.10 3.06 -12.61
N LYS B 238 -18.90 3.00 -11.30
CA LYS B 238 -18.50 4.21 -10.58
C LYS B 238 -17.02 4.20 -10.29
N ALA B 239 -16.25 3.61 -11.20
CA ALA B 239 -14.81 3.53 -10.99
C ALA B 239 -14.21 4.93 -10.88
N LEU B 240 -14.73 5.90 -11.64
CA LEU B 240 -14.19 7.25 -11.61
C LEU B 240 -14.76 8.10 -10.47
N ARG B 241 -15.93 7.75 -9.95
CA ARG B 241 -16.41 8.46 -8.78
C ARG B 241 -15.51 8.19 -7.59
N GLU B 242 -15.20 6.90 -7.37
CA GLU B 242 -14.22 6.51 -6.37
C GLU B 242 -12.84 7.07 -6.71
N ALA B 243 -12.49 7.08 -7.99
CA ALA B 243 -11.21 7.67 -8.41
C ALA B 243 -11.13 9.14 -8.06
N MET B 244 -12.20 9.88 -8.28
CA MET B 244 -12.14 11.33 -8.08
C MET B 244 -12.03 11.69 -6.62
N CYS B 245 -12.84 11.04 -5.77
CA CYS B 245 -12.87 11.40 -4.36
C CYS B 245 -11.62 10.97 -3.62
N PHE B 246 -10.76 10.16 -4.24
CA PHE B 246 -9.45 9.85 -3.67
C PHE B 246 -8.33 10.67 -4.30
N LEU B 247 -8.56 11.26 -5.47
CA LEU B 247 -7.51 11.98 -6.18
C LEU B 247 -7.21 13.36 -5.61
N MET B 248 -8.07 13.93 -4.73
CA MET B 248 -7.94 15.32 -4.30
C MET B 248 -8.07 15.48 -2.76
N ASP B 249 -7.00 15.16 -2.02
CA ASP B 249 -6.87 15.42 -0.58
C ASP B 249 -5.51 14.96 -0.06
N PRO B 250 -4.88 15.69 0.86
CA PRO B 250 -3.52 15.35 1.30
C PRO B 250 -3.42 14.35 2.45
N ASN B 251 -2.33 13.58 2.40
CA ASN B 251 -1.93 12.64 3.47
C ASN B 251 -0.45 12.25 3.24
N LEU B 252 0.01 11.16 3.91
CA LEU B 252 1.39 10.67 3.79
C LEU B 252 1.45 9.18 3.47
N GLY B 253 2.64 8.73 3.05
CA GLY B 253 2.85 7.36 2.57
C GLY B 253 2.64 7.27 1.07
N LYS B 254 3.49 6.55 0.35
CA LYS B 254 3.43 6.61 -1.11
C LYS B 254 2.31 5.72 -1.71
N GLN B 255 2.34 4.41 -1.48
CA GLN B 255 1.42 3.50 -2.14
C GLN B 255 0.37 2.91 -1.18
N VAL B 256 -0.82 2.72 -1.72
CA VAL B 256 -1.96 2.16 -1.01
C VAL B 256 -2.45 0.96 -1.83
N CYS B 257 -3.25 0.10 -1.19
CA CYS B 257 -3.71 -1.13 -1.82
C CYS B 257 -5.14 -1.39 -1.40
N TYR B 258 -5.94 -1.99 -2.29
CA TYR B 258 -7.37 -2.18 -2.05
C TYR B 258 -7.73 -3.65 -2.12
N VAL B 259 -8.07 -4.22 -0.97
CA VAL B 259 -8.33 -5.66 -0.82
C VAL B 259 -7.28 -6.46 -1.56
N ARG B 277 -8.18 -6.25 -11.71
CA ARG B 277 -8.21 -7.11 -10.53
C ARG B 277 -8.61 -6.30 -9.28
N ASN B 278 -7.70 -5.45 -8.80
CA ASN B 278 -8.01 -4.57 -7.67
C ASN B 278 -7.43 -3.18 -7.94
N THR B 279 -7.60 -2.29 -6.98
CA THR B 279 -7.19 -0.90 -7.10
C THR B 279 -5.84 -0.70 -6.39
N VAL B 280 -5.22 0.44 -6.65
CA VAL B 280 -3.94 0.73 -6.03
C VAL B 280 -3.91 2.15 -5.44
N PHE B 281 -3.94 3.19 -6.29
CA PHE B 281 -3.93 4.57 -5.78
C PHE B 281 -2.62 4.93 -5.07
N PHE B 282 -1.68 5.56 -5.78
CA PHE B 282 -0.43 6.05 -5.21
C PHE B 282 -0.63 7.35 -4.43
N ASP B 283 0.49 8.02 -4.18
CA ASP B 283 0.54 9.35 -3.56
C ASP B 283 2.00 9.79 -3.43
N ILE B 284 2.19 11.11 -3.35
CA ILE B 284 3.51 11.78 -3.22
C ILE B 284 4.60 11.13 -4.06
N GLY B 294 12.07 12.31 -8.74
CA GLY B 294 12.42 11.88 -10.08
C GLY B 294 11.24 11.68 -11.03
N PRO B 295 11.46 10.96 -12.12
CA PRO B 295 10.39 10.72 -13.09
C PRO B 295 9.65 9.40 -12.89
N VAL B 296 8.37 9.42 -13.24
CA VAL B 296 7.49 8.26 -13.11
C VAL B 296 6.86 7.96 -14.46
N TYR B 297 6.71 6.68 -14.76
CA TYR B 297 6.16 6.23 -16.03
C TYR B 297 4.93 5.37 -15.80
N VAL B 298 3.84 5.72 -16.47
CA VAL B 298 2.55 5.07 -16.27
C VAL B 298 1.96 4.77 -17.62
N GLY B 299 1.32 3.61 -17.74
CA GLY B 299 0.67 3.30 -18.99
C GLY B 299 -0.81 3.06 -18.86
N THR B 300 -1.28 1.92 -19.34
CA THR B 300 -2.71 1.66 -19.35
C THR B 300 -3.27 1.55 -17.93
N GLY B 301 -4.46 2.09 -17.73
CA GLY B 301 -5.27 1.76 -16.59
C GLY B 301 -5.02 2.54 -15.32
N CYS B 302 -4.44 3.73 -15.39
CA CYS B 302 -4.29 4.60 -14.23
C CYS B 302 -4.84 5.98 -14.54
N VAL B 303 -5.49 6.60 -13.56
CA VAL B 303 -6.08 7.93 -13.74
C VAL B 303 -5.10 8.95 -13.17
N PHE B 304 -4.38 9.63 -14.05
CA PHE B 304 -3.40 10.63 -13.67
C PHE B 304 -3.80 12.00 -14.21
N ASN B 305 -3.13 13.02 -13.67
CA ASN B 305 -3.41 14.39 -14.07
C ASN B 305 -2.74 14.74 -15.39
N ARG B 306 -3.45 15.56 -16.18
CA ARG B 306 -2.92 16.01 -17.45
C ARG B 306 -1.81 17.01 -17.23
N THR B 307 -1.98 17.87 -16.23
CA THR B 307 -1.10 19.02 -16.03
C THR B 307 0.35 18.62 -15.92
N ALA B 308 0.60 17.45 -15.37
CA ALA B 308 1.94 16.99 -15.06
C ALA B 308 2.73 16.52 -16.28
N LEU B 309 2.06 16.15 -17.36
CA LEU B 309 2.79 15.79 -18.58
C LEU B 309 3.46 16.98 -19.23
N TYR B 310 3.17 18.19 -18.76
CA TYR B 310 3.59 19.41 -19.44
C TYR B 310 4.86 20.00 -18.82
N GLY B 311 5.29 19.49 -17.67
CA GLY B 311 6.52 19.86 -17.02
C GLY B 311 6.38 20.95 -15.97
N TYR B 312 5.46 21.88 -16.15
CA TYR B 312 5.25 22.93 -15.17
C TYR B 312 3.99 22.59 -14.37
N GLU B 313 3.50 23.58 -13.62
CA GLU B 313 2.34 23.39 -12.73
C GLU B 313 1.29 24.47 -13.02
N PRO B 314 0.49 24.30 -14.10
CA PRO B 314 -0.60 25.24 -14.42
C PRO B 314 -1.72 25.27 -13.38
N GLU B 322 10.11 30.61 -23.92
CA GLU B 322 8.97 30.22 -24.76
C GLU B 322 8.71 28.73 -24.54
N LYS B 323 7.57 28.24 -25.02
CA LYS B 323 7.20 26.83 -24.90
C LYS B 323 7.01 26.24 -26.28
N ARG B 324 7.70 25.14 -26.56
CA ARG B 324 7.49 24.42 -27.81
C ARG B 324 6.84 23.08 -27.49
N PHE B 325 5.53 23.12 -27.31
CA PHE B 325 4.70 21.93 -27.43
C PHE B 325 4.16 21.74 -28.84
N GLY B 326 4.90 22.23 -29.83
CA GLY B 326 4.39 22.40 -31.18
C GLY B 326 4.02 23.85 -31.46
N GLN B 327 3.73 24.12 -32.73
CA GLN B 327 3.41 25.47 -33.18
C GLN B 327 1.95 25.85 -32.98
N SER B 328 1.12 24.98 -32.41
CA SER B 328 -0.29 25.28 -32.18
C SER B 328 -0.46 26.09 -30.90
N ALA B 329 -0.95 27.34 -31.04
CA ALA B 329 -1.15 28.23 -29.89
C ALA B 329 -2.36 27.82 -29.05
N VAL B 330 -3.35 27.17 -29.65
CA VAL B 330 -4.49 26.70 -28.88
C VAL B 330 -4.06 25.55 -27.95
N PHE B 331 -3.17 24.68 -28.42
CA PHE B 331 -2.61 23.64 -27.57
C PHE B 331 -1.97 24.23 -26.32
N VAL B 332 -1.01 25.13 -26.52
CA VAL B 332 -0.29 25.66 -25.38
C VAL B 332 -1.19 26.57 -24.57
N ALA B 333 -2.30 27.00 -25.16
CA ALA B 333 -3.34 27.63 -24.35
C ALA B 333 -3.87 26.63 -23.33
N SER B 334 -4.36 25.48 -23.80
CA SER B 334 -4.82 24.45 -22.89
C SER B 334 -3.73 23.98 -21.94
N THR B 335 -2.47 24.15 -22.33
CA THR B 335 -1.36 23.79 -21.45
C THR B 335 -1.36 24.65 -20.20
N LEU B 336 -1.43 25.96 -20.38
CA LEU B 336 -1.31 26.90 -19.28
C LEU B 336 -2.66 27.21 -18.66
N MET B 337 -3.71 26.52 -19.08
CA MET B 337 -5.05 26.82 -18.59
C MET B 337 -5.16 26.38 -17.14
N GLU B 338 -6.39 26.36 -16.64
CA GLU B 338 -6.67 25.80 -15.33
C GLU B 338 -6.33 24.32 -15.39
N ASN B 339 -6.57 23.58 -14.31
CA ASN B 339 -6.35 22.13 -14.34
C ASN B 339 -6.90 21.51 -15.61
N GLY B 340 -8.02 22.01 -16.08
CA GLY B 340 -8.56 21.61 -17.37
C GLY B 340 -9.35 22.74 -17.96
N GLY B 341 -10.29 22.41 -18.83
CA GLY B 341 -11.19 23.39 -19.38
C GLY B 341 -10.74 23.87 -20.75
N VAL B 342 -11.70 24.40 -21.50
CA VAL B 342 -11.47 24.93 -22.84
C VAL B 342 -11.79 26.42 -22.79
N PRO B 343 -10.97 27.29 -23.40
CA PRO B 343 -11.22 28.73 -23.32
C PRO B 343 -12.50 29.11 -24.04
N PRO B 344 -13.39 29.85 -23.40
CA PRO B 344 -14.60 30.32 -24.10
C PRO B 344 -14.30 31.26 -25.24
N SER B 345 -13.09 31.81 -25.30
CA SER B 345 -12.65 32.64 -26.42
C SER B 345 -12.33 31.82 -27.67
N ALA B 346 -12.58 30.52 -27.65
CA ALA B 346 -12.34 29.65 -28.79
C ALA B 346 -13.64 29.32 -29.50
N THR B 347 -13.56 29.20 -30.81
CA THR B 347 -14.73 28.96 -31.63
C THR B 347 -14.75 27.53 -32.15
N PRO B 348 -15.92 26.89 -32.21
CA PRO B 348 -15.99 25.49 -32.63
C PRO B 348 -15.29 25.15 -33.94
N GLU B 349 -15.32 26.02 -34.95
CA GLU B 349 -14.71 25.62 -36.23
C GLU B 349 -13.20 25.69 -36.21
N ASN B 350 -12.61 26.63 -35.47
CA ASN B 350 -11.17 26.84 -35.53
C ASN B 350 -10.40 25.88 -34.64
N LEU B 351 -10.99 25.43 -33.53
CA LEU B 351 -10.30 24.46 -32.69
C LEU B 351 -10.47 23.05 -33.23
N LEU B 352 -11.43 22.86 -34.13
CA LEU B 352 -11.40 21.68 -34.99
C LEU B 352 -10.30 21.82 -36.04
N LYS B 353 -10.17 23.01 -36.65
CA LYS B 353 -9.02 23.32 -37.49
C LYS B 353 -7.72 23.01 -36.75
N GLU B 354 -7.64 23.43 -35.49
CA GLU B 354 -6.40 23.21 -34.76
C GLU B 354 -6.27 21.77 -34.32
N ALA B 355 -7.40 21.09 -34.11
CA ALA B 355 -7.37 19.67 -33.79
C ALA B 355 -6.81 18.87 -34.95
N ILE B 356 -7.23 19.21 -36.17
CA ILE B 356 -6.56 18.65 -37.35
C ILE B 356 -5.11 19.12 -37.39
N HIS B 357 -4.88 20.39 -37.08
CA HIS B 357 -3.52 20.96 -37.13
C HIS B 357 -2.58 20.27 -36.14
N VAL B 358 -3.10 19.81 -34.99
CA VAL B 358 -2.25 19.21 -33.97
C VAL B 358 -2.08 17.70 -34.14
N ILE B 359 -2.82 17.07 -35.05
CA ILE B 359 -2.55 15.69 -35.48
C ILE B 359 -1.93 15.65 -36.87
N SER B 360 -1.46 16.79 -37.36
CA SER B 360 -0.80 16.84 -38.64
C SER B 360 0.41 15.92 -38.67
N CYS B 361 0.80 15.55 -39.89
CA CYS B 361 2.11 14.97 -40.10
C CYS B 361 3.18 16.02 -39.79
N GLY B 362 4.29 15.56 -39.23
CA GLY B 362 5.40 16.47 -38.97
C GLY B 362 5.14 17.55 -37.95
N TYR B 363 4.03 17.49 -37.22
CA TYR B 363 3.84 18.40 -36.10
C TYR B 363 4.87 18.13 -35.01
N GLU B 364 5.39 16.89 -34.95
CA GLU B 364 6.41 16.51 -33.98
C GLU B 364 7.83 16.80 -34.47
N ASP B 365 7.98 17.60 -35.51
CA ASP B 365 9.30 17.89 -36.06
C ASP B 365 10.05 18.83 -35.12
N LYS B 366 11.21 18.38 -34.63
CA LYS B 366 12.05 19.14 -33.70
C LYS B 366 11.28 19.67 -32.48
N SER B 367 10.06 19.17 -32.26
CA SER B 367 9.08 19.84 -31.41
C SER B 367 9.20 19.45 -29.94
N ASP B 368 10.22 18.68 -29.56
CA ASP B 368 10.37 18.18 -28.20
C ASP B 368 9.17 17.31 -27.81
N TRP B 369 8.96 16.26 -28.59
CA TRP B 369 7.98 15.21 -28.34
C TRP B 369 8.67 13.86 -28.54
N GLY B 370 8.32 12.88 -27.71
CA GLY B 370 9.28 11.81 -27.50
C GLY B 370 10.38 12.52 -26.75
N MET B 371 9.97 13.31 -25.76
CA MET B 371 10.71 14.38 -25.12
C MET B 371 11.25 13.97 -23.76
N GLU B 372 11.57 14.97 -22.93
CA GLU B 372 11.86 14.76 -21.52
C GLU B 372 10.59 14.74 -20.66
N ILE B 373 9.42 14.78 -21.29
CA ILE B 373 8.13 14.67 -20.61
C ILE B 373 7.23 13.76 -21.45
N GLY B 374 5.98 13.60 -21.02
CA GLY B 374 5.00 12.85 -21.79
C GLY B 374 5.45 11.42 -22.07
N TRP B 375 5.15 10.94 -23.27
CA TRP B 375 5.56 9.61 -23.68
C TRP B 375 6.81 9.72 -24.54
N ILE B 376 7.77 8.85 -24.28
CA ILE B 376 9.07 8.89 -24.93
C ILE B 376 9.28 7.55 -25.62
N TYR B 377 10.09 7.56 -26.66
CA TYR B 377 10.41 6.38 -27.44
C TYR B 377 11.91 6.16 -27.39
N GLY B 378 12.32 4.89 -27.42
CA GLY B 378 13.72 4.53 -27.31
C GLY B 378 14.31 4.30 -28.69
N SER B 379 15.49 4.89 -28.92
CA SER B 379 16.03 5.13 -30.26
C SER B 379 16.10 3.90 -31.17
N VAL B 380 16.40 4.13 -32.45
CA VAL B 380 16.25 3.19 -33.56
C VAL B 380 16.59 1.75 -33.15
N THR B 381 15.76 0.79 -33.60
CA THR B 381 15.66 -0.59 -33.11
C THR B 381 14.96 -0.69 -31.77
N GLU B 382 14.11 0.29 -31.45
CA GLU B 382 13.13 0.29 -30.37
C GLU B 382 13.63 -0.29 -29.04
N ASP B 383 14.40 0.50 -28.30
CA ASP B 383 14.58 0.22 -26.89
C ASP B 383 13.23 0.35 -26.18
N ILE B 384 13.11 -0.26 -25.01
CA ILE B 384 11.86 -0.24 -24.25
C ILE B 384 12.02 0.84 -23.18
N LEU B 385 11.66 2.07 -23.54
CA LEU B 385 11.66 3.25 -22.67
C LEU B 385 10.32 3.98 -22.78
N THR B 386 9.23 3.24 -22.68
CA THR B 386 7.92 3.73 -23.09
C THR B 386 7.12 4.16 -21.86
N GLY B 387 5.89 4.59 -22.12
CA GLY B 387 5.03 5.10 -21.08
C GLY B 387 5.09 6.61 -20.97
N PHE B 388 4.06 7.17 -20.35
CA PHE B 388 4.06 8.60 -20.10
C PHE B 388 5.12 8.92 -19.05
N LYS B 389 5.32 10.22 -18.81
CA LYS B 389 6.42 10.64 -17.95
C LYS B 389 6.02 11.84 -17.12
N MET B 390 6.31 11.76 -15.82
CA MET B 390 6.14 12.89 -14.92
C MET B 390 7.37 13.21 -14.09
N HIS B 391 7.24 14.10 -13.11
CA HIS B 391 8.42 14.84 -12.67
C HIS B 391 8.58 14.86 -11.17
N ALA B 392 9.21 15.90 -10.65
CA ALA B 392 9.25 16.12 -9.21
C ALA B 392 7.84 16.21 -8.64
N ARG B 393 6.90 16.71 -9.45
CA ARG B 393 5.45 16.56 -9.28
C ARG B 393 4.85 17.41 -8.18
N GLY B 394 5.67 17.89 -7.24
CA GLY B 394 5.11 18.57 -6.09
C GLY B 394 4.15 17.65 -5.37
N TRP B 395 2.86 18.01 -5.36
CA TRP B 395 1.81 17.10 -4.94
C TRP B 395 1.07 16.57 -6.16
N ARG B 396 1.17 15.27 -6.41
CA ARG B 396 0.37 14.64 -7.44
C ARG B 396 0.04 13.24 -6.95
N SER B 397 -1.04 12.68 -7.49
CA SER B 397 -1.41 11.31 -7.13
C SER B 397 -2.01 10.62 -8.35
N ILE B 398 -2.20 9.31 -8.22
CA ILE B 398 -2.63 8.47 -9.33
C ILE B 398 -3.42 7.30 -8.78
N TYR B 399 -4.47 6.93 -9.50
CA TYR B 399 -5.43 5.91 -9.11
C TYR B 399 -5.51 4.88 -10.22
N CYS B 400 -5.14 3.64 -9.91
CA CYS B 400 -5.12 2.60 -10.93
C CYS B 400 -6.22 1.57 -10.74
N MET B 401 -6.60 0.95 -11.87
CA MET B 401 -7.42 -0.25 -11.84
C MET B 401 -6.75 -1.23 -12.81
N PRO B 402 -5.69 -1.89 -12.34
CA PRO B 402 -5.02 -2.90 -13.17
C PRO B 402 -5.90 -4.12 -13.36
N LYS B 403 -5.46 -5.00 -14.25
CA LYS B 403 -6.21 -6.22 -14.51
C LYS B 403 -5.35 -7.28 -15.18
N ASN B 414 15.55 -9.60 -5.11
CA ASN B 414 15.50 -9.03 -3.77
C ASN B 414 14.19 -8.26 -3.64
N LEU B 415 13.88 -7.83 -2.42
CA LEU B 415 12.64 -7.09 -2.18
C LEU B 415 12.54 -5.88 -3.10
N SER B 416 13.63 -5.12 -3.24
CA SER B 416 13.60 -3.88 -4.03
C SER B 416 13.15 -4.15 -5.47
N ASP B 417 13.71 -5.17 -6.12
CA ASP B 417 13.24 -5.51 -7.46
C ASP B 417 11.84 -6.07 -7.42
N ARG B 418 11.56 -6.94 -6.44
CA ARG B 418 10.24 -7.52 -6.32
C ARG B 418 9.17 -6.47 -6.11
N LEU B 419 9.51 -5.35 -5.46
CA LEU B 419 8.55 -4.25 -5.34
C LEU B 419 8.44 -3.46 -6.63
N ASN B 420 9.51 -3.41 -7.42
CA ASN B 420 9.45 -2.67 -8.67
C ASN B 420 8.62 -3.42 -9.69
N GLN B 421 8.57 -4.74 -9.55
CA GLN B 421 7.79 -5.57 -10.46
C GLN B 421 6.30 -5.39 -10.22
N VAL B 422 5.91 -5.29 -8.95
CA VAL B 422 4.52 -5.03 -8.61
C VAL B 422 4.14 -3.62 -9.05
N LEU B 423 5.08 -2.68 -9.00
CA LEU B 423 4.80 -1.37 -9.53
C LEU B 423 4.64 -1.44 -11.04
N ARG B 424 5.37 -2.36 -11.66
CA ARG B 424 5.32 -2.49 -13.12
C ARG B 424 3.94 -2.95 -13.57
N TRP B 425 3.30 -3.84 -12.80
CA TRP B 425 1.95 -4.29 -13.09
C TRP B 425 0.89 -3.26 -12.73
N ALA B 426 1.00 -2.63 -11.56
CA ALA B 426 0.00 -1.66 -11.15
C ALA B 426 -0.10 -0.49 -12.12
N LEU B 427 0.89 -0.32 -12.99
CA LEU B 427 0.89 0.77 -13.96
C LEU B 427 0.70 0.26 -15.39
N GLY B 428 0.30 -0.99 -15.57
CA GLY B 428 0.21 -1.56 -16.90
C GLY B 428 1.53 -1.53 -17.64
N SER B 429 2.56 -2.16 -17.08
CA SER B 429 3.90 -2.20 -17.67
C SER B 429 4.40 -0.80 -18.02
#